data_2H1O
#
_entry.id   2H1O
#
_cell.length_a   75.040
_cell.length_b   82.403
_cell.length_c   135.503
_cell.angle_alpha   90.00
_cell.angle_beta   94.19
_cell.angle_gamma   90.00
#
_symmetry.space_group_name_H-M   'P 1 21 1'
#
loop_
_entity.id
_entity.type
_entity.pdbx_description
1 polymer 'IR36-strand 1'
2 polymer 'IR36-strand 2'
3 polymer 'Trafficking protein B'
4 polymer 'Trafficking protein A'
5 water water
#
loop_
_entity_poly.entity_id
_entity_poly.type
_entity_poly.pdbx_seq_one_letter_code
_entity_poly.pdbx_strand_id
1 'polydeoxyribonucleotide'
;(DA)(DG)(DA)(DT)(DT)(DG)(DC)(DT)(DA)(DT)(DC)(DA)(DT)(DT)(DT)(DT)(DT)(DT)(DT)(DT)
(DA)(DT)(DT)(DT)(DT)(DG)(DA)(DT)(DA)(DG)(DC)(DA)(DT)(5IU)(DT)(DG)
;
U
2 'polydeoxyribonucleotide'
;(DC)(DA)(DA)(DA)(DT)(DG)(DC)(DT)(DA)(DT)(DC)(DA)(DA)(DA)(DA)(5IU)(DA)(DA)(DA)
(DA)(DA)(DA)(DA)(DA)(DT)(DG)(DA)(DT)(DA)(DG)(DC)(DA)(DA)(DT)(DC)(DT)
;
V
3 'polypeptide(L)'
;MILLDTNVISEPLRPQPNERVVAWLDSLILEDVYLSAITVAEMRLGVALLLNGKKKNVLHERMEQSILPLFAGRILPFDE
PVAAIYAQIRSYAKTHGKEIAAADGYIAATAKQHSMTVATRDTGSFFAADVAVFNPWHLEHHH
;
A,B,C,D
4 'polypeptide(L)' ASVVIRNLSEATHNAIKFRARAAGRSTEAEIRLILDNIAKAQQTVRLGSMLASIGQEIGGVELEDVRG E,F,G,H
#
# COMPACT_ATOMS: atom_id res chain seq x y z
N MET C 1 -1.72 15.35 11.63
CA MET C 1 -1.07 16.26 10.65
C MET C 1 -1.78 17.60 10.70
N ILE C 2 -1.14 18.62 10.15
CA ILE C 2 -1.72 19.94 10.15
C ILE C 2 -1.96 20.48 8.75
N LEU C 3 -3.04 21.24 8.61
CA LEU C 3 -3.40 21.85 7.34
C LEU C 3 -3.24 23.38 7.43
N LEU C 4 -2.33 23.93 6.64
CA LEU C 4 -2.11 25.35 6.66
C LEU C 4 -3.10 26.09 5.79
N ASP C 5 -3.73 27.10 6.37
CA ASP C 5 -4.68 27.88 5.62
C ASP C 5 -3.87 29.05 5.05
N THR C 6 -4.34 29.55 3.91
CA THR C 6 -3.69 30.65 3.20
C THR C 6 -3.01 31.71 4.06
N ASN C 7 -3.78 32.37 4.92
CA ASN C 7 -3.22 33.43 5.75
C ASN C 7 -2.01 33.08 6.62
N VAL C 8 -1.77 31.82 6.92
CA VAL C 8 -0.58 31.53 7.72
C VAL C 8 0.62 31.47 6.79
N ILE C 9 0.54 30.62 5.79
CA ILE C 9 1.60 30.46 4.81
C ILE C 9 2.02 31.84 4.25
N SER C 10 1.13 32.82 4.36
CA SER C 10 1.41 34.17 3.87
C SER C 10 2.17 35.02 4.88
N GLU C 11 1.85 34.85 6.15
CA GLU C 11 2.48 35.65 7.19
C GLU C 11 3.98 35.92 7.08
N PRO C 12 4.80 34.89 6.88
CA PRO C 12 6.25 35.12 6.78
C PRO C 12 6.66 35.99 5.59
N LEU C 13 5.94 35.84 4.49
CA LEU C 13 6.23 36.56 3.26
C LEU C 13 5.93 38.04 3.36
N ARG C 14 5.22 38.42 4.41
CA ARG C 14 4.83 39.81 4.60
C ARG C 14 5.96 40.68 5.15
N PRO C 15 5.78 42.02 5.11
CA PRO C 15 6.74 43.05 5.58
C PRO C 15 7.33 42.83 6.99
N GLN C 16 6.52 42.98 8.03
CA GLN C 16 7.01 42.74 9.39
C GLN C 16 6.23 41.53 9.91
N PRO C 17 6.54 40.33 9.35
CA PRO C 17 5.89 39.06 9.72
C PRO C 17 5.83 38.78 11.20
N ASN C 18 4.63 38.53 11.72
CA ASN C 18 4.46 38.24 13.14
C ASN C 18 5.48 37.19 13.56
N GLU C 19 6.34 37.54 14.50
CA GLU C 19 7.37 36.60 14.94
C GLU C 19 6.82 35.31 15.52
N ARG C 20 5.82 35.42 16.39
CA ARG C 20 5.23 34.24 17.03
C ARG C 20 4.79 33.19 16.01
N VAL C 21 4.29 33.66 14.87
CA VAL C 21 3.84 32.75 13.83
C VAL C 21 5.02 32.07 13.17
N VAL C 22 6.06 32.83 12.84
CA VAL C 22 7.23 32.24 12.21
C VAL C 22 7.90 31.24 13.14
N ALA C 23 7.87 31.52 14.43
CA ALA C 23 8.48 30.63 15.41
C ALA C 23 7.77 29.29 15.39
N TRP C 24 6.44 29.34 15.36
CA TRP C 24 5.64 28.13 15.32
C TRP C 24 5.82 27.29 14.06
N LEU C 25 5.99 27.95 12.91
CA LEU C 25 6.19 27.21 11.66
C LEU C 25 7.51 26.45 11.71
N ASP C 26 8.51 27.03 12.37
CA ASP C 26 9.78 26.34 12.46
C ASP C 26 9.74 25.16 13.41
N SER C 27 8.82 25.21 14.37
CA SER C 27 8.70 24.10 15.30
C SER C 27 7.95 22.98 14.62
N LEU C 28 7.86 23.03 13.29
CA LEU C 28 7.12 22.01 12.57
C LEU C 28 8.02 21.13 11.72
N ILE C 29 7.52 19.94 11.43
CA ILE C 29 8.23 18.99 10.58
C ILE C 29 7.44 18.91 9.27
N LEU C 30 8.04 19.46 8.21
CA LEU C 30 7.43 19.52 6.89
C LEU C 30 6.47 18.40 6.53
N GLU C 31 6.97 17.17 6.53
CA GLU C 31 6.15 16.01 6.21
C GLU C 31 4.81 15.95 6.94
N ASP C 32 4.60 16.82 7.92
CA ASP C 32 3.37 16.83 8.70
C ASP C 32 2.37 17.92 8.26
N VAL C 33 2.90 18.90 7.55
CA VAL C 33 2.12 20.04 7.09
C VAL C 33 1.58 19.79 5.70
N TYR C 34 0.28 20.07 5.51
CA TYR C 34 -0.39 19.92 4.22
C TYR C 34 -1.06 21.20 3.78
N LEU C 35 -1.35 21.30 2.48
CA LEU C 35 -2.02 22.46 1.89
C LEU C 35 -3.23 21.97 1.10
N SER C 36 -4.29 22.76 1.06
CA SER C 36 -5.45 22.38 0.26
C SER C 36 -5.26 22.94 -1.14
N ALA C 37 -5.71 22.19 -2.14
CA ALA C 37 -5.61 22.66 -3.52
C ALA C 37 -6.20 24.05 -3.56
N ILE C 38 -7.31 24.24 -2.85
CA ILE C 38 -7.99 25.53 -2.78
C ILE C 38 -6.98 26.57 -2.34
N THR C 39 -6.27 26.28 -1.26
CA THR C 39 -5.27 27.22 -0.78
C THR C 39 -4.18 27.49 -1.81
N VAL C 40 -3.66 26.46 -2.48
CA VAL C 40 -2.62 26.72 -3.46
C VAL C 40 -3.20 27.68 -4.46
N ALA C 41 -4.43 27.43 -4.89
CA ALA C 41 -5.07 28.30 -5.85
C ALA C 41 -4.98 29.73 -5.35
N GLU C 42 -5.50 29.98 -4.16
CA GLU C 42 -5.46 31.32 -3.58
C GLU C 42 -4.06 31.96 -3.64
N MET C 43 -3.04 31.20 -3.25
CA MET C 43 -1.67 31.70 -3.28
C MET C 43 -1.31 32.04 -4.72
N ARG C 44 -1.48 31.06 -5.60
CA ARG C 44 -1.14 31.24 -7.00
C ARG C 44 -1.83 32.45 -7.64
N LEU C 45 -3.07 32.74 -7.24
CA LEU C 45 -3.81 33.88 -7.77
C LEU C 45 -3.33 35.16 -7.11
N GLY C 46 -3.04 35.08 -5.82
CA GLY C 46 -2.58 36.26 -5.11
C GLY C 46 -1.30 36.82 -5.71
N VAL C 47 -0.52 35.93 -6.31
CA VAL C 47 0.74 36.33 -6.93
C VAL C 47 0.38 36.93 -8.29
N ALA C 48 -0.35 36.17 -9.10
CA ALA C 48 -0.76 36.62 -10.42
C ALA C 48 -1.35 38.03 -10.47
N LEU C 49 -2.02 38.44 -9.39
CA LEU C 49 -2.66 39.76 -9.35
C LEU C 49 -1.76 40.96 -9.09
N LEU C 50 -0.48 40.73 -8.82
CA LEU C 50 0.44 41.84 -8.55
C LEU C 50 0.81 42.57 -9.85
N LEU C 51 1.08 43.88 -9.77
CA LEU C 51 1.48 44.64 -10.95
C LEU C 51 2.79 44.07 -11.50
N ASN C 52 2.86 43.95 -12.81
CA ASN C 52 4.05 43.40 -13.45
C ASN C 52 5.32 44.17 -13.12
N GLY C 53 6.28 43.45 -12.54
CA GLY C 53 7.54 44.05 -12.18
C GLY C 53 8.50 42.98 -11.73
N LYS C 54 9.60 43.39 -11.11
CA LYS C 54 10.60 42.45 -10.64
C LYS C 54 10.10 41.59 -9.47
N LYS C 55 9.50 42.27 -8.48
CA LYS C 55 8.99 41.60 -7.29
C LYS C 55 8.10 40.41 -7.61
N LYS C 56 7.17 40.60 -8.55
CA LYS C 56 6.24 39.55 -8.93
C LYS C 56 6.90 38.38 -9.64
N ASN C 57 7.96 38.64 -10.39
CA ASN C 57 8.65 37.58 -11.11
C ASN C 57 9.42 36.67 -10.18
N VAL C 58 10.11 37.27 -9.21
CA VAL C 58 10.88 36.53 -8.23
C VAL C 58 9.95 35.69 -7.35
N LEU C 59 8.96 36.35 -6.76
CA LEU C 59 7.98 35.71 -5.91
C LEU C 59 7.35 34.54 -6.66
N HIS C 60 6.99 34.75 -7.91
CA HIS C 60 6.39 33.69 -8.70
C HIS C 60 7.35 32.52 -8.81
N GLU C 61 8.63 32.80 -9.02
CA GLU C 61 9.61 31.72 -9.13
C GLU C 61 9.76 31.00 -7.80
N ARG C 62 10.17 31.73 -6.76
CA ARG C 62 10.33 31.12 -5.43
C ARG C 62 9.09 30.32 -5.09
N MET C 63 7.94 30.89 -5.39
CA MET C 63 6.65 30.28 -5.14
C MET C 63 6.52 28.90 -5.76
N GLU C 64 6.85 28.80 -7.05
CA GLU C 64 6.73 27.54 -7.76
C GLU C 64 7.97 26.67 -7.74
N GLN C 65 9.14 27.26 -7.48
CA GLN C 65 10.36 26.48 -7.47
C GLN C 65 10.89 26.13 -6.08
N SER C 66 10.38 26.81 -5.05
CA SER C 66 10.83 26.57 -3.68
C SER C 66 9.70 26.18 -2.75
N ILE C 67 8.84 27.13 -2.43
CA ILE C 67 7.72 26.85 -1.54
C ILE C 67 6.99 25.56 -1.93
N LEU C 68 5.96 25.70 -2.76
CA LEU C 68 5.13 24.58 -3.22
C LEU C 68 5.75 23.21 -3.38
N PRO C 69 6.90 23.11 -4.08
CA PRO C 69 7.47 21.78 -4.23
C PRO C 69 7.61 21.07 -2.87
N LEU C 70 7.87 21.85 -1.83
CA LEU C 70 8.02 21.34 -0.45
C LEU C 70 6.76 20.66 0.09
N PHE C 71 5.66 20.74 -0.64
CA PHE C 71 4.43 20.12 -0.20
C PHE C 71 3.98 19.09 -1.22
N ALA C 72 4.89 18.70 -2.11
CA ALA C 72 4.58 17.71 -3.13
C ALA C 72 3.97 16.45 -2.50
N GLY C 73 2.81 16.05 -2.98
CA GLY C 73 2.17 14.86 -2.42
C GLY C 73 1.38 15.17 -1.17
N ARG C 74 1.51 16.38 -0.64
CA ARG C 74 0.78 16.76 0.54
C ARG C 74 -0.13 17.95 0.24
N ILE C 75 -0.62 17.99 -0.99
CA ILE C 75 -1.56 19.02 -1.43
C ILE C 75 -2.88 18.30 -1.68
N LEU C 76 -3.84 18.60 -0.81
CA LEU C 76 -5.12 17.94 -0.81
C LEU C 76 -6.20 18.47 -1.73
N PRO C 77 -6.62 17.62 -2.69
CA PRO C 77 -7.64 17.92 -3.69
C PRO C 77 -9.02 17.93 -3.07
N PHE C 78 -9.91 18.70 -3.67
CA PHE C 78 -11.27 18.75 -3.21
C PHE C 78 -12.04 17.76 -4.08
N ASP C 79 -11.96 16.48 -3.72
CA ASP C 79 -12.61 15.39 -4.44
C ASP C 79 -14.07 15.17 -4.00
N GLU C 80 -14.80 14.32 -4.73
CA GLU C 80 -16.21 14.01 -4.44
C GLU C 80 -16.49 13.67 -2.96
N PRO C 81 -15.67 12.79 -2.35
CA PRO C 81 -15.91 12.46 -0.95
C PRO C 81 -15.95 13.75 -0.15
N VAL C 82 -14.87 14.52 -0.24
CA VAL C 82 -14.80 15.74 0.53
C VAL C 82 -16.04 16.58 0.36
N ALA C 83 -16.65 16.51 -0.82
CA ALA C 83 -17.83 17.32 -1.03
C ALA C 83 -18.93 16.96 -0.05
N ALA C 84 -19.17 15.67 0.12
CA ALA C 84 -20.21 15.21 1.02
C ALA C 84 -20.01 15.81 2.41
N ILE C 85 -18.75 15.78 2.86
CA ILE C 85 -18.43 16.33 4.16
C ILE C 85 -18.75 17.82 4.18
N TYR C 86 -18.28 18.52 3.16
CA TYR C 86 -18.53 19.95 3.01
C TYR C 86 -20.01 20.23 3.17
N ALA C 87 -20.83 19.43 2.50
CA ALA C 87 -22.27 19.61 2.57
C ALA C 87 -22.76 19.64 4.01
N GLN C 88 -22.23 18.76 4.86
CA GLN C 88 -22.69 18.74 6.22
C GLN C 88 -22.06 19.84 7.07
N ILE C 89 -20.75 20.01 6.99
CA ILE C 89 -20.09 21.05 7.76
C ILE C 89 -20.76 22.42 7.65
N ARG C 90 -21.34 22.70 6.50
CA ARG C 90 -21.99 23.99 6.27
C ARG C 90 -23.44 24.05 6.70
N SER C 91 -24.21 23.03 6.32
CA SER C 91 -25.62 23.00 6.69
C SER C 91 -25.69 22.98 8.21
N TYR C 92 -24.78 22.25 8.82
CA TYR C 92 -24.72 22.14 10.27
C TYR C 92 -24.51 23.53 10.87
N ALA C 93 -23.33 24.09 10.67
CA ALA C 93 -23.05 25.41 11.20
C ALA C 93 -24.23 26.36 11.04
N LYS C 94 -24.89 26.35 9.89
CA LYS C 94 -26.01 27.27 9.69
C LYS C 94 -27.17 27.06 10.64
N THR C 95 -27.63 25.83 10.74
CA THR C 95 -28.74 25.53 11.63
C THR C 95 -28.20 25.43 13.04
N HIS C 96 -27.29 26.33 13.38
CA HIS C 96 -26.68 26.38 14.71
C HIS C 96 -26.20 27.80 14.97
N GLY C 97 -26.32 28.67 13.97
CA GLY C 97 -25.88 30.05 14.15
C GLY C 97 -24.80 30.53 13.21
N LYS C 98 -23.53 30.34 13.58
CA LYS C 98 -22.40 30.79 12.75
C LYS C 98 -22.39 30.16 11.37
N GLU C 99 -22.61 30.96 10.34
CA GLU C 99 -22.60 30.46 8.97
C GLU C 99 -21.15 30.48 8.45
N ILE C 100 -20.82 29.56 7.56
CA ILE C 100 -19.46 29.47 7.03
C ILE C 100 -19.37 29.77 5.55
N ALA C 101 -18.35 30.53 5.16
CA ALA C 101 -18.16 30.88 3.75
C ALA C 101 -17.64 29.66 2.98
N ALA C 102 -18.23 29.41 1.81
CA ALA C 102 -17.82 28.27 1.00
C ALA C 102 -16.31 27.99 1.04
N ALA C 103 -15.50 28.99 0.73
CA ALA C 103 -14.06 28.80 0.75
C ALA C 103 -13.67 28.13 2.05
N ASP C 104 -14.04 28.74 3.18
CA ASP C 104 -13.70 28.18 4.48
C ASP C 104 -14.29 26.78 4.67
N GLY C 105 -15.40 26.51 3.99
CA GLY C 105 -16.01 25.19 4.11
C GLY C 105 -15.19 24.15 3.38
N TYR C 106 -14.59 24.56 2.27
CA TYR C 106 -13.79 23.65 1.46
C TYR C 106 -12.61 23.20 2.32
N ILE C 107 -11.93 24.19 2.90
CA ILE C 107 -10.78 23.91 3.75
C ILE C 107 -11.16 23.05 4.94
N ALA C 108 -12.19 23.45 5.67
CA ALA C 108 -12.65 22.69 6.83
C ALA C 108 -12.96 21.27 6.41
N ALA C 109 -13.90 21.16 5.47
CA ALA C 109 -14.30 19.88 4.96
C ALA C 109 -13.08 19.05 4.61
N THR C 110 -12.13 19.62 3.88
CA THR C 110 -10.93 18.87 3.53
C THR C 110 -10.28 18.37 4.81
N ALA C 111 -9.87 19.29 5.68
CA ALA C 111 -9.24 18.92 6.94
C ALA C 111 -9.98 17.80 7.66
N LYS C 112 -11.27 18.02 7.91
CA LYS C 112 -12.07 17.02 8.62
C LYS C 112 -11.90 15.60 8.11
N GLN C 113 -12.10 15.40 6.81
CA GLN C 113 -11.98 14.07 6.23
C GLN C 113 -10.85 13.30 6.86
N HIS C 114 -9.64 13.86 6.78
CA HIS C 114 -8.45 13.22 7.32
C HIS C 114 -8.20 13.60 8.79
N SER C 115 -9.25 14.09 9.44
CA SER C 115 -9.17 14.52 10.85
C SER C 115 -7.89 15.30 11.15
N MET C 116 -7.61 16.33 10.34
CA MET C 116 -6.44 17.16 10.53
C MET C 116 -6.77 18.40 11.34
N THR C 117 -5.75 19.12 11.75
CA THR C 117 -5.95 20.35 12.52
C THR C 117 -5.64 21.53 11.60
N VAL C 118 -6.58 22.45 11.53
CA VAL C 118 -6.43 23.61 10.69
C VAL C 118 -5.70 24.72 11.42
N ALA C 119 -4.61 25.20 10.83
CA ALA C 119 -3.84 26.29 11.43
C ALA C 119 -4.30 27.56 10.74
N THR C 120 -5.00 28.42 11.44
CA THR C 120 -5.49 29.65 10.83
C THR C 120 -5.59 30.77 11.83
N ARG C 121 -5.54 32.00 11.35
CA ARG C 121 -5.68 33.14 12.24
C ARG C 121 -7.17 33.35 12.44
N ASP C 122 -7.95 32.90 11.47
CA ASP C 122 -9.38 33.03 11.56
C ASP C 122 -9.91 31.67 11.98
N THR C 123 -9.85 31.40 13.29
CA THR C 123 -10.32 30.14 13.85
C THR C 123 -11.80 30.27 14.15
N GLY C 124 -12.21 31.51 14.38
CA GLY C 124 -13.59 31.83 14.68
C GLY C 124 -14.61 31.14 13.83
N SER C 125 -14.21 30.70 12.65
CA SER C 125 -15.14 30.01 11.77
C SER C 125 -15.05 28.50 11.91
N PHE C 126 -13.85 27.96 11.71
CA PHE C 126 -13.65 26.53 11.78
C PHE C 126 -14.18 25.79 13.00
N PHE C 127 -14.03 26.37 14.19
CA PHE C 127 -14.50 25.69 15.38
C PHE C 127 -15.98 25.37 15.23
N ALA C 128 -16.71 26.20 14.50
CA ALA C 128 -18.15 25.97 14.29
C ALA C 128 -18.38 24.78 13.36
N ALA C 129 -17.28 24.27 12.80
CA ALA C 129 -17.33 23.15 11.87
C ALA C 129 -16.94 21.83 12.51
N ASP C 130 -16.74 21.84 13.83
CA ASP C 130 -16.35 20.63 14.55
C ASP C 130 -15.01 20.09 14.09
N VAL C 131 -14.11 20.98 13.68
CA VAL C 131 -12.79 20.58 13.25
C VAL C 131 -11.83 21.21 14.24
N ALA C 132 -10.75 20.52 14.54
CA ALA C 132 -9.79 21.08 15.48
C ALA C 132 -9.12 22.27 14.83
N VAL C 133 -8.90 23.34 15.58
CA VAL C 133 -8.24 24.52 15.04
C VAL C 133 -7.14 25.00 15.97
N PHE C 134 -6.16 25.72 15.42
CA PHE C 134 -5.06 26.28 16.20
C PHE C 134 -4.63 27.63 15.63
N ASN C 135 -4.54 28.63 16.50
CA ASN C 135 -4.15 29.96 16.06
C ASN C 135 -2.71 30.24 16.49
N PRO C 136 -1.78 30.20 15.53
CA PRO C 136 -0.37 30.45 15.83
C PRO C 136 -0.10 31.90 16.17
N TRP C 137 -1.14 32.72 16.14
CA TRP C 137 -0.99 34.13 16.46
C TRP C 137 -1.08 34.22 17.96
N HIS C 138 -1.80 33.25 18.53
CA HIS C 138 -2.03 33.15 19.96
C HIS C 138 -0.99 32.29 20.70
N LEU C 139 -1.08 32.29 22.03
CA LEU C 139 -0.19 31.54 22.89
C LEU C 139 -0.77 30.18 23.18
N GLU C 140 0.12 29.24 23.49
CA GLU C 140 -0.27 27.89 23.81
C GLU C 140 -0.43 27.75 25.32
N HIS C 141 -1.51 27.12 25.75
CA HIS C 141 -1.76 26.92 27.17
C HIS C 141 -1.95 25.44 27.44
N HIS C 142 -2.86 24.83 26.69
CA HIS C 142 -3.17 23.41 26.82
C HIS C 142 -3.21 22.89 28.27
N HIS C 143 -4.33 23.08 28.95
CA HIS C 143 -4.52 22.59 30.33
C HIS C 143 -3.55 23.22 31.34
N MET D 1 -17.17 15.19 -24.18
CA MET D 1 -16.46 16.11 -23.26
C MET D 1 -17.30 17.33 -22.89
N ILE D 2 -18.39 17.10 -22.17
CA ILE D 2 -19.27 18.18 -21.73
C ILE D 2 -19.23 18.28 -20.22
N LEU D 3 -19.12 19.50 -19.70
CA LEU D 3 -19.07 19.71 -18.25
C LEU D 3 -20.25 20.57 -17.80
N LEU D 4 -21.18 19.96 -17.09
CA LEU D 4 -22.35 20.69 -16.61
C LEU D 4 -22.03 21.63 -15.46
N ASP D 5 -22.54 22.85 -15.53
CA ASP D 5 -22.32 23.81 -14.47
C ASP D 5 -23.49 23.65 -13.52
N THR D 6 -23.31 24.06 -12.27
CA THR D 6 -24.32 23.93 -11.25
C THR D 6 -25.72 24.34 -11.72
N ASN D 7 -25.86 25.58 -12.17
CA ASN D 7 -27.15 26.06 -12.62
C ASN D 7 -27.79 25.25 -13.74
N VAL D 8 -27.00 24.46 -14.46
CA VAL D 8 -27.58 23.69 -15.55
C VAL D 8 -28.14 22.38 -15.03
N ILE D 9 -27.28 21.64 -14.34
CA ILE D 9 -27.64 20.35 -13.78
C ILE D 9 -28.85 20.48 -12.87
N SER D 10 -28.97 21.62 -12.20
CA SER D 10 -30.07 21.83 -11.28
C SER D 10 -31.32 22.46 -11.86
N GLU D 11 -31.30 22.74 -13.16
CA GLU D 11 -32.46 23.36 -13.79
C GLU D 11 -33.72 22.50 -13.79
N PRO D 12 -33.61 21.23 -14.22
CA PRO D 12 -34.75 20.30 -14.29
C PRO D 12 -35.43 20.09 -12.94
N LEU D 13 -34.66 20.25 -11.86
CA LEU D 13 -35.17 20.07 -10.52
C LEU D 13 -36.10 21.19 -10.08
N ARG D 14 -36.06 22.30 -10.80
CA ARG D 14 -36.87 23.44 -10.42
C ARG D 14 -38.36 23.29 -10.70
N PRO D 15 -39.18 24.12 -10.05
CA PRO D 15 -40.65 24.16 -10.14
C PRO D 15 -41.21 24.26 -11.54
N GLN D 16 -40.73 25.24 -12.30
CA GLN D 16 -41.15 25.46 -13.69
C GLN D 16 -39.91 25.25 -14.55
N PRO D 17 -39.34 24.04 -14.49
CA PRO D 17 -38.14 23.80 -15.29
C PRO D 17 -38.28 24.21 -16.74
N ASN D 18 -37.21 24.80 -17.27
CA ASN D 18 -37.18 25.22 -18.65
C ASN D 18 -37.12 23.97 -19.55
N GLU D 19 -38.18 23.74 -20.31
CA GLU D 19 -38.26 22.57 -21.16
C GLU D 19 -37.22 22.48 -22.25
N ARG D 20 -36.64 23.63 -22.62
CA ARG D 20 -35.62 23.62 -23.66
C ARG D 20 -34.37 22.97 -23.07
N VAL D 21 -34.05 23.32 -21.81
CA VAL D 21 -32.88 22.74 -21.15
C VAL D 21 -33.06 21.24 -20.88
N VAL D 22 -34.27 20.84 -20.54
CA VAL D 22 -34.54 19.42 -20.28
C VAL D 22 -34.32 18.66 -21.58
N ALA D 23 -34.90 19.17 -22.66
CA ALA D 23 -34.75 18.51 -23.94
C ALA D 23 -33.27 18.36 -24.26
N TRP D 24 -32.48 19.39 -24.05
CA TRP D 24 -31.06 19.29 -24.35
C TRP D 24 -30.35 18.24 -23.51
N LEU D 25 -30.60 18.24 -22.20
CA LEU D 25 -29.97 17.26 -21.34
C LEU D 25 -30.36 15.88 -21.82
N ASP D 26 -31.58 15.76 -22.36
CA ASP D 26 -32.06 14.49 -22.88
C ASP D 26 -31.44 14.09 -24.20
N SER D 27 -30.58 14.93 -24.76
CA SER D 27 -29.96 14.58 -26.03
C SER D 27 -28.49 14.23 -25.86
N LEU D 28 -28.05 14.04 -24.62
CA LEU D 28 -26.64 13.75 -24.36
C LEU D 28 -26.30 12.30 -24.06
N ILE D 29 -25.03 11.94 -24.29
CA ILE D 29 -24.53 10.61 -23.99
C ILE D 29 -23.93 10.70 -22.58
N LEU D 30 -24.68 10.20 -21.59
CA LEU D 30 -24.23 10.29 -20.20
C LEU D 30 -22.77 9.95 -19.96
N GLU D 31 -22.23 9.02 -20.73
CA GLU D 31 -20.83 8.63 -20.57
C GLU D 31 -19.89 9.73 -21.09
N ASP D 32 -20.46 10.88 -21.46
CA ASP D 32 -19.65 11.99 -21.95
C ASP D 32 -19.90 13.29 -21.21
N VAL D 33 -20.64 13.20 -20.11
CA VAL D 33 -20.96 14.39 -19.33
C VAL D 33 -20.34 14.33 -17.93
N TYR D 34 -19.61 15.37 -17.57
CA TYR D 34 -18.93 15.43 -16.29
C TYR D 34 -19.47 16.42 -15.28
N LEU D 35 -18.93 16.37 -14.08
CA LEU D 35 -19.31 17.27 -13.00
C LEU D 35 -18.08 17.60 -12.17
N SER D 36 -18.05 18.81 -11.66
CA SER D 36 -16.94 19.20 -10.84
C SER D 36 -17.28 18.85 -9.42
N ALA D 37 -16.29 18.39 -8.67
CA ALA D 37 -16.53 18.08 -7.28
C ALA D 37 -17.14 19.35 -6.68
N ILE D 38 -16.61 20.52 -7.04
CA ILE D 38 -17.12 21.79 -6.54
C ILE D 38 -18.61 21.89 -6.84
N THR D 39 -19.01 21.40 -8.01
CA THR D 39 -20.42 21.46 -8.38
C THR D 39 -21.24 20.45 -7.61
N VAL D 40 -20.69 19.26 -7.40
CA VAL D 40 -21.41 18.23 -6.66
C VAL D 40 -21.56 18.72 -5.22
N ALA D 41 -20.51 19.37 -4.71
CA ALA D 41 -20.54 19.91 -3.35
C ALA D 41 -21.62 20.97 -3.22
N GLU D 42 -21.85 21.75 -4.27
CA GLU D 42 -22.88 22.77 -4.23
C GLU D 42 -24.28 22.10 -4.23
N MET D 43 -24.45 21.04 -5.01
CA MET D 43 -25.73 20.32 -5.07
C MET D 43 -26.02 19.71 -3.70
N ARG D 44 -25.05 18.95 -3.19
CA ARG D 44 -25.17 18.27 -1.90
C ARG D 44 -25.50 19.24 -0.77
N LEU D 45 -24.98 20.46 -0.88
CA LEU D 45 -25.22 21.48 0.12
C LEU D 45 -26.64 22.00 -0.05
N GLY D 46 -27.05 22.13 -1.30
CA GLY D 46 -28.39 22.62 -1.58
C GLY D 46 -29.41 21.71 -0.94
N VAL D 47 -29.15 20.41 -1.01
CA VAL D 47 -30.04 19.42 -0.42
C VAL D 47 -29.96 19.55 1.08
N ALA D 48 -28.74 19.53 1.60
CA ALA D 48 -28.53 19.61 3.02
C ALA D 48 -29.10 20.85 3.68
N LEU D 49 -29.22 21.94 2.92
CA LEU D 49 -29.75 23.18 3.50
C LEU D 49 -31.26 23.25 3.59
N LEU D 50 -31.94 22.19 3.18
CA LEU D 50 -33.41 22.15 3.22
C LEU D 50 -33.96 21.83 4.61
N LEU D 51 -35.07 22.48 4.94
CA LEU D 51 -35.75 22.29 6.21
C LEU D 51 -36.14 20.82 6.27
N ASN D 52 -36.04 20.21 7.44
CA ASN D 52 -36.37 18.80 7.53
C ASN D 52 -37.84 18.47 7.23
N GLY D 53 -38.03 17.43 6.43
CA GLY D 53 -39.35 16.98 6.05
C GLY D 53 -39.22 15.86 5.03
N LYS D 54 -40.36 15.35 4.55
CA LYS D 54 -40.34 14.28 3.57
C LYS D 54 -39.58 14.74 2.33
N LYS D 55 -39.80 15.99 1.96
CA LYS D 55 -39.16 16.58 0.78
C LYS D 55 -37.65 16.40 0.83
N LYS D 56 -36.99 17.03 1.79
CA LYS D 56 -35.55 16.93 1.92
C LYS D 56 -35.06 15.48 1.92
N ASN D 57 -35.83 14.59 2.55
CA ASN D 57 -35.42 13.21 2.62
C ASN D 57 -35.51 12.42 1.30
N VAL D 58 -36.55 12.64 0.52
CA VAL D 58 -36.67 11.92 -0.74
C VAL D 58 -35.63 12.45 -1.72
N LEU D 59 -35.44 13.77 -1.70
CA LEU D 59 -34.49 14.41 -2.58
C LEU D 59 -33.11 13.85 -2.33
N HIS D 60 -32.73 13.77 -1.06
CA HIS D 60 -31.43 13.23 -0.68
C HIS D 60 -31.34 11.81 -1.21
N GLU D 61 -32.39 11.03 -0.98
CA GLU D 61 -32.44 9.66 -1.45
C GLU D 61 -32.04 9.57 -2.91
N ARG D 62 -32.77 10.31 -3.74
CA ARG D 62 -32.53 10.35 -5.18
C ARG D 62 -31.14 10.83 -5.47
N MET D 63 -30.82 12.00 -4.96
CA MET D 63 -29.53 12.63 -5.13
C MET D 63 -28.37 11.67 -5.01
N GLU D 64 -28.47 10.76 -4.05
CA GLU D 64 -27.40 9.80 -3.79
C GLU D 64 -27.57 8.45 -4.47
N GLN D 65 -28.81 8.02 -4.64
CA GLN D 65 -29.08 6.72 -5.23
C GLN D 65 -29.32 6.75 -6.74
N SER D 66 -29.91 7.82 -7.22
CA SER D 66 -30.25 7.94 -8.64
C SER D 66 -29.43 8.94 -9.46
N ILE D 67 -29.42 10.21 -9.05
CA ILE D 67 -28.68 11.23 -9.78
C ILE D 67 -27.18 11.02 -9.76
N LEU D 68 -26.56 11.24 -8.61
CA LEU D 68 -25.12 11.12 -8.50
C LEU D 68 -24.45 9.84 -8.98
N PRO D 69 -25.11 8.68 -8.87
CA PRO D 69 -24.47 7.45 -9.32
C PRO D 69 -24.24 7.44 -10.85
N LEU D 70 -24.99 8.26 -11.58
CA LEU D 70 -24.85 8.35 -13.02
C LEU D 70 -23.56 9.00 -13.46
N PHE D 71 -22.93 9.76 -12.56
CA PHE D 71 -21.67 10.42 -12.92
C PHE D 71 -20.49 9.80 -12.20
N ALA D 72 -20.75 8.70 -11.48
CA ALA D 72 -19.69 8.02 -10.75
C ALA D 72 -18.54 7.71 -11.67
N GLY D 73 -17.37 8.24 -11.34
CA GLY D 73 -16.20 8.02 -12.14
C GLY D 73 -15.87 9.26 -12.95
N ARG D 74 -16.86 10.15 -13.09
CA ARG D 74 -16.66 11.37 -13.85
C ARG D 74 -16.89 12.65 -13.04
N ILE D 75 -16.68 12.59 -11.73
CA ILE D 75 -16.81 13.78 -10.92
C ILE D 75 -15.39 14.26 -10.71
N LEU D 76 -14.95 15.16 -11.58
CA LEU D 76 -13.61 15.73 -11.57
C LEU D 76 -13.24 16.46 -10.29
N PRO D 77 -12.02 16.23 -9.78
CA PRO D 77 -11.52 16.85 -8.55
C PRO D 77 -10.77 18.14 -8.86
N PHE D 78 -10.75 19.03 -7.88
CA PHE D 78 -10.04 20.29 -8.04
C PHE D 78 -8.70 20.08 -7.36
N ASP D 79 -7.66 19.80 -8.14
CA ASP D 79 -6.33 19.58 -7.60
C ASP D 79 -5.29 20.65 -7.90
N GLU D 80 -4.05 20.37 -7.55
CA GLU D 80 -2.94 21.30 -7.74
C GLU D 80 -2.84 21.86 -9.15
N PRO D 81 -2.76 20.98 -10.16
CA PRO D 81 -2.65 21.42 -11.57
C PRO D 81 -3.79 22.39 -11.91
N VAL D 82 -5.00 21.95 -11.65
CA VAL D 82 -6.18 22.74 -11.89
C VAL D 82 -6.12 24.04 -11.11
N ALA D 83 -5.46 24.04 -9.97
CA ALA D 83 -5.38 25.25 -9.16
C ALA D 83 -4.50 26.27 -9.85
N ALA D 84 -3.54 25.80 -10.62
CA ALA D 84 -2.67 26.72 -11.35
C ALA D 84 -3.53 27.37 -12.45
N ILE D 85 -4.29 26.54 -13.17
CA ILE D 85 -5.18 27.05 -14.23
C ILE D 85 -6.08 28.14 -13.64
N TYR D 86 -6.78 27.80 -12.55
CA TYR D 86 -7.65 28.73 -11.86
C TYR D 86 -6.94 30.10 -11.78
N ALA D 87 -5.75 30.12 -11.18
CA ALA D 87 -5.00 31.36 -11.02
C ALA D 87 -4.87 32.14 -12.31
N GLN D 88 -4.49 31.46 -13.39
CA GLN D 88 -4.34 32.11 -14.69
C GLN D 88 -5.68 32.71 -15.13
N ILE D 89 -6.67 31.85 -15.34
CA ILE D 89 -7.98 32.30 -15.73
C ILE D 89 -8.41 33.52 -14.94
N ARG D 90 -8.55 33.39 -13.62
CA ARG D 90 -9.00 34.53 -12.83
C ARG D 90 -8.09 35.75 -12.86
N SER D 91 -6.80 35.56 -12.64
CA SER D 91 -5.92 36.72 -12.65
C SER D 91 -6.05 37.41 -14.00
N TYR D 92 -6.07 36.63 -15.07
CA TYR D 92 -6.19 37.25 -16.38
C TYR D 92 -7.43 38.16 -16.51
N ALA D 93 -8.62 37.57 -16.49
CA ALA D 93 -9.86 38.33 -16.61
C ALA D 93 -9.88 39.57 -15.72
N LYS D 94 -9.62 39.34 -14.43
CA LYS D 94 -9.62 40.41 -13.46
C LYS D 94 -8.73 41.55 -13.87
N THR D 95 -7.55 41.26 -14.35
CA THR D 95 -6.69 42.36 -14.73
C THR D 95 -7.04 42.96 -16.09
N HIS D 96 -8.15 42.52 -16.69
CA HIS D 96 -8.54 43.07 -17.98
C HIS D 96 -9.95 43.57 -17.88
N GLY D 97 -10.41 43.78 -16.65
CA GLY D 97 -11.74 44.32 -16.46
C GLY D 97 -12.91 43.37 -16.34
N LYS D 98 -12.75 42.11 -16.72
CA LYS D 98 -13.87 41.19 -16.57
C LYS D 98 -13.67 40.43 -15.29
N GLU D 99 -14.69 40.44 -14.43
CA GLU D 99 -14.60 39.74 -13.18
C GLU D 99 -15.05 38.31 -13.36
N ILE D 100 -14.41 37.39 -12.64
CA ILE D 100 -14.76 35.97 -12.69
C ILE D 100 -14.91 35.51 -11.24
N ALA D 101 -16.12 35.13 -10.87
CA ALA D 101 -16.38 34.66 -9.53
C ALA D 101 -15.60 33.38 -9.26
N ALA D 102 -15.00 33.28 -8.08
CA ALA D 102 -14.24 32.10 -7.70
C ALA D 102 -15.05 30.86 -8.05
N ALA D 103 -16.33 30.89 -7.70
CA ALA D 103 -17.22 29.79 -7.98
C ALA D 103 -17.05 29.35 -9.42
N ASP D 104 -17.21 30.30 -10.34
CA ASP D 104 -17.09 30.05 -11.76
C ASP D 104 -15.68 29.63 -12.15
N GLY D 105 -14.67 30.37 -11.68
CA GLY D 105 -13.30 30.03 -12.01
C GLY D 105 -12.97 28.55 -11.81
N TYR D 106 -13.45 28.00 -10.70
CA TYR D 106 -13.21 26.60 -10.36
C TYR D 106 -13.69 25.66 -11.47
N ILE D 107 -14.93 25.85 -11.90
CA ILE D 107 -15.49 25.05 -12.98
C ILE D 107 -14.67 25.33 -14.23
N ALA D 108 -14.51 26.61 -14.53
CA ALA D 108 -13.75 27.06 -15.69
C ALA D 108 -12.38 26.41 -15.80
N ALA D 109 -11.59 26.50 -14.74
CA ALA D 109 -10.24 25.92 -14.78
C ALA D 109 -10.31 24.41 -15.00
N THR D 110 -11.34 23.79 -14.43
CA THR D 110 -11.51 22.37 -14.57
C THR D 110 -11.79 22.07 -16.02
N ALA D 111 -12.85 22.67 -16.55
CA ALA D 111 -13.18 22.46 -17.95
C ALA D 111 -11.93 22.67 -18.76
N LYS D 112 -11.25 23.78 -18.51
CA LYS D 112 -10.04 24.13 -19.24
C LYS D 112 -8.91 23.11 -19.20
N GLN D 113 -8.81 22.30 -18.15
CA GLN D 113 -7.74 21.33 -18.13
C GLN D 113 -7.96 20.12 -19.03
N HIS D 114 -9.20 19.82 -19.35
CA HIS D 114 -9.48 18.67 -20.21
C HIS D 114 -10.11 19.13 -21.50
N SER D 115 -9.98 20.41 -21.80
CA SER D 115 -10.60 20.96 -23.00
C SER D 115 -12.01 20.40 -23.06
N MET D 116 -12.85 20.85 -22.14
CA MET D 116 -14.22 20.38 -22.10
C MET D 116 -15.08 21.56 -22.49
N THR D 117 -16.37 21.33 -22.73
CA THR D 117 -17.25 22.42 -23.07
C THR D 117 -18.17 22.67 -21.88
N VAL D 118 -18.03 23.83 -21.27
CA VAL D 118 -18.86 24.15 -20.13
C VAL D 118 -20.25 24.46 -20.62
N ALA D 119 -21.26 23.89 -19.97
CA ALA D 119 -22.65 24.15 -20.35
C ALA D 119 -23.16 25.03 -19.23
N THR D 120 -23.63 26.24 -19.54
CA THR D 120 -24.09 27.15 -18.50
C THR D 120 -25.02 28.24 -19.00
N ARG D 121 -25.70 28.90 -18.08
CA ARG D 121 -26.65 29.98 -18.38
C ARG D 121 -25.94 31.34 -18.47
N ASP D 122 -24.82 31.45 -17.77
CA ASP D 122 -24.03 32.68 -17.74
C ASP D 122 -22.75 32.42 -18.48
N THR D 123 -22.77 32.60 -19.80
CA THR D 123 -21.59 32.34 -20.61
C THR D 123 -20.48 33.38 -20.54
N GLY D 124 -20.79 34.58 -20.08
CA GLY D 124 -19.78 35.62 -20.00
C GLY D 124 -18.52 35.19 -19.27
N SER D 125 -18.71 34.75 -18.04
CA SER D 125 -17.57 34.33 -17.26
C SER D 125 -16.70 33.35 -18.06
N PHE D 126 -17.29 32.34 -18.70
CA PHE D 126 -16.44 31.38 -19.41
C PHE D 126 -15.82 31.81 -20.73
N PHE D 127 -16.51 32.66 -21.50
CA PHE D 127 -15.91 33.10 -22.74
C PHE D 127 -14.64 33.80 -22.34
N ALA D 128 -14.71 34.53 -21.24
CA ALA D 128 -13.58 35.29 -20.72
C ALA D 128 -12.39 34.41 -20.36
N ALA D 129 -12.62 33.24 -19.77
CA ALA D 129 -11.54 32.32 -19.39
C ALA D 129 -11.02 31.50 -20.56
N ASP D 130 -11.51 31.82 -21.76
CA ASP D 130 -11.14 31.12 -22.98
C ASP D 130 -11.51 29.63 -22.87
N VAL D 131 -12.79 29.38 -22.65
CA VAL D 131 -13.29 28.03 -22.52
C VAL D 131 -14.57 27.83 -23.33
N ALA D 132 -14.57 26.83 -24.20
CA ALA D 132 -15.74 26.53 -25.02
C ALA D 132 -16.97 26.54 -24.13
N VAL D 133 -18.03 27.20 -24.57
CA VAL D 133 -19.22 27.24 -23.75
C VAL D 133 -20.46 26.97 -24.56
N PHE D 134 -21.51 26.52 -23.89
CA PHE D 134 -22.77 26.26 -24.55
C PHE D 134 -23.90 26.60 -23.61
N ASN D 135 -24.77 27.50 -24.04
CA ASN D 135 -25.90 27.92 -23.24
C ASN D 135 -27.08 27.08 -23.70
N PRO D 136 -27.51 26.12 -22.89
CA PRO D 136 -28.63 25.24 -23.24
C PRO D 136 -29.99 25.89 -23.22
N TRP D 137 -30.04 27.18 -22.94
CA TRP D 137 -31.32 27.88 -22.93
C TRP D 137 -31.67 28.25 -24.37
N HIS D 138 -30.75 27.93 -25.28
CA HIS D 138 -30.94 28.22 -26.69
C HIS D 138 -31.10 26.94 -27.51
N LEU D 139 -30.92 27.08 -28.82
CA LEU D 139 -31.03 25.96 -29.72
C LEU D 139 -29.68 25.66 -30.32
N GLU D 140 -29.69 24.94 -31.45
CA GLU D 140 -28.46 24.53 -32.14
C GLU D 140 -27.70 23.60 -31.24
N MET E 1 -4.46 -18.54 -4.04
CA MET E 1 -3.40 -18.60 -5.10
C MET E 1 -2.83 -20.00 -5.17
N ILE E 2 -2.10 -20.29 -6.24
CA ILE E 2 -1.50 -21.60 -6.39
C ILE E 2 0.02 -21.60 -6.44
N LEU E 3 0.61 -22.48 -5.65
CA LEU E 3 2.06 -22.62 -5.61
C LEU E 3 2.43 -23.89 -6.37
N LEU E 4 3.19 -23.74 -7.45
CA LEU E 4 3.60 -24.88 -8.24
C LEU E 4 4.88 -25.50 -7.69
N ASP E 5 4.87 -26.80 -7.46
CA ASP E 5 6.06 -27.47 -6.96
C ASP E 5 6.90 -27.79 -8.19
N THR E 6 8.11 -28.32 -7.99
CA THR E 6 9.01 -28.63 -9.10
C THR E 6 8.48 -29.60 -10.14
N ASN E 7 8.02 -30.77 -9.69
CA ASN E 7 7.53 -31.78 -10.61
C ASN E 7 6.38 -31.36 -11.53
N VAL E 8 5.52 -30.45 -11.08
CA VAL E 8 4.40 -30.03 -11.94
C VAL E 8 4.88 -29.17 -13.08
N ILE E 9 5.69 -28.16 -12.78
CA ILE E 9 6.18 -27.26 -13.80
C ILE E 9 7.20 -27.96 -14.68
N SER E 10 7.69 -29.12 -14.23
CA SER E 10 8.68 -29.89 -15.01
C SER E 10 8.00 -30.67 -16.12
N GLU E 11 6.82 -31.17 -15.81
CA GLU E 11 6.07 -31.99 -16.75
C GLU E 11 6.04 -31.53 -18.22
N PRO E 12 5.53 -30.33 -18.49
CA PRO E 12 5.48 -29.86 -19.89
C PRO E 12 6.77 -30.00 -20.69
N LEU E 13 7.90 -29.83 -20.01
CA LEU E 13 9.20 -29.89 -20.66
C LEU E 13 9.67 -31.29 -20.99
N ARG E 14 9.02 -32.29 -20.42
CA ARG E 14 9.40 -33.68 -20.65
C ARG E 14 9.18 -34.16 -22.09
N PRO E 15 9.68 -35.36 -22.41
CA PRO E 15 9.55 -35.96 -23.74
C PRO E 15 8.07 -36.14 -24.11
N GLN E 16 7.33 -36.83 -23.25
CA GLN E 16 5.91 -37.03 -23.48
C GLN E 16 5.10 -36.44 -22.34
N PRO E 17 5.03 -35.11 -22.29
CA PRO E 17 4.29 -34.45 -21.22
C PRO E 17 2.93 -35.09 -21.00
N ASN E 18 2.48 -35.06 -19.76
CA ASN E 18 1.19 -35.62 -19.40
C ASN E 18 0.11 -34.66 -19.85
N GLU E 19 -0.67 -35.10 -20.83
CA GLU E 19 -1.77 -34.34 -21.41
C GLU E 19 -2.62 -33.64 -20.33
N ARG E 20 -3.24 -34.43 -19.46
CA ARG E 20 -4.10 -33.91 -18.40
C ARG E 20 -3.45 -32.75 -17.63
N VAL E 21 -2.19 -32.91 -17.26
CA VAL E 21 -1.47 -31.89 -16.52
C VAL E 21 -1.34 -30.62 -17.33
N VAL E 22 -0.71 -30.70 -18.50
CA VAL E 22 -0.53 -29.53 -19.34
C VAL E 22 -1.86 -28.78 -19.45
N ALA E 23 -2.91 -29.50 -19.82
CA ALA E 23 -4.22 -28.89 -19.93
C ALA E 23 -4.54 -28.09 -18.68
N TRP E 24 -4.33 -28.70 -17.52
CA TRP E 24 -4.59 -28.01 -16.24
C TRP E 24 -3.78 -26.72 -16.15
N LEU E 25 -2.48 -26.80 -16.39
CA LEU E 25 -1.64 -25.61 -16.34
C LEU E 25 -2.25 -24.54 -17.24
N ASP E 26 -2.76 -24.99 -18.38
CA ASP E 26 -3.36 -24.11 -19.38
C ASP E 26 -4.61 -23.39 -18.94
N SER E 27 -5.28 -23.93 -17.93
CA SER E 27 -6.51 -23.33 -17.45
C SER E 27 -6.27 -22.37 -16.29
N LEU E 28 -5.06 -21.83 -16.21
CA LEU E 28 -4.75 -20.92 -15.12
C LEU E 28 -4.41 -19.50 -15.53
N ILE E 29 -4.50 -18.61 -14.55
CA ILE E 29 -4.18 -17.21 -14.73
C ILE E 29 -2.79 -17.00 -14.14
N LEU E 30 -1.77 -16.97 -15.00
CA LEU E 30 -0.38 -16.77 -14.58
C LEU E 30 -0.17 -16.00 -13.28
N GLU E 31 -0.75 -14.81 -13.19
CA GLU E 31 -0.63 -13.95 -12.02
C GLU E 31 -1.16 -14.59 -10.75
N ASP E 32 -1.70 -15.79 -10.86
CA ASP E 32 -2.26 -16.49 -9.72
C ASP E 32 -1.32 -17.61 -9.28
N VAL E 33 -0.47 -18.03 -10.21
CA VAL E 33 0.49 -19.09 -9.95
C VAL E 33 1.77 -18.48 -9.43
N TYR E 34 2.37 -19.15 -8.45
CA TYR E 34 3.62 -18.67 -7.87
C TYR E 34 4.66 -19.79 -7.82
N LEU E 35 5.84 -19.48 -7.31
CA LEU E 35 6.91 -20.46 -7.17
C LEU E 35 7.73 -20.14 -5.94
N SER E 36 8.15 -21.16 -5.20
CA SER E 36 8.99 -20.92 -4.04
C SER E 36 10.45 -20.83 -4.52
N ALA E 37 11.21 -19.91 -3.93
CA ALA E 37 12.60 -19.73 -4.31
C ALA E 37 13.30 -21.09 -4.34
N ILE E 38 12.85 -21.98 -3.44
CA ILE E 38 13.39 -23.35 -3.36
C ILE E 38 13.17 -24.02 -4.69
N THR E 39 11.91 -24.12 -5.10
CA THR E 39 11.62 -24.74 -6.39
C THR E 39 12.45 -24.10 -7.51
N VAL E 40 12.62 -22.78 -7.49
CA VAL E 40 13.42 -22.13 -8.53
C VAL E 40 14.85 -22.64 -8.40
N ALA E 41 15.33 -22.79 -7.18
CA ALA E 41 16.69 -23.29 -6.99
C ALA E 41 16.79 -24.62 -7.74
N GLU E 42 15.89 -25.54 -7.41
CA GLU E 42 15.87 -26.84 -8.05
C GLU E 42 15.87 -26.81 -9.57
N MET E 43 14.88 -26.15 -10.16
CA MET E 43 14.79 -26.05 -11.60
C MET E 43 16.12 -25.63 -12.21
N ARG E 44 16.75 -24.62 -11.63
CA ARG E 44 18.05 -24.16 -12.13
C ARG E 44 19.18 -25.18 -11.98
N LEU E 45 19.15 -25.93 -10.88
CA LEU E 45 20.15 -26.95 -10.61
C LEU E 45 19.91 -28.12 -11.55
N GLY E 46 18.65 -28.44 -11.77
CA GLY E 46 18.31 -29.53 -12.68
C GLY E 46 18.87 -29.21 -14.06
N VAL E 47 18.80 -27.95 -14.44
CA VAL E 47 19.31 -27.53 -15.73
C VAL E 47 20.84 -27.59 -15.74
N ALA E 48 21.45 -26.95 -14.75
CA ALA E 48 22.90 -26.90 -14.63
C ALA E 48 23.63 -28.25 -14.68
N LEU E 49 22.99 -29.29 -14.14
CA LEU E 49 23.59 -30.64 -14.10
C LEU E 49 23.61 -31.42 -15.42
N LEU E 50 23.02 -30.85 -16.47
CA LEU E 50 22.98 -31.50 -17.77
C LEU E 50 24.36 -31.50 -18.38
N LEU E 51 24.53 -32.27 -19.45
CA LEU E 51 25.80 -32.34 -20.15
C LEU E 51 25.86 -31.12 -21.05
N ASN E 52 27.05 -30.58 -21.24
CA ASN E 52 27.19 -29.40 -22.09
C ASN E 52 26.87 -29.68 -23.55
N GLY E 53 26.05 -28.81 -24.13
CA GLY E 53 25.66 -28.98 -25.51
C GLY E 53 24.48 -28.07 -25.82
N LYS E 54 23.98 -28.17 -27.04
CA LYS E 54 22.86 -27.36 -27.48
C LYS E 54 21.66 -27.40 -26.55
N LYS E 55 21.12 -28.59 -26.30
CA LYS E 55 19.93 -28.70 -25.46
C LYS E 55 20.04 -27.84 -24.21
N LYS E 56 21.08 -28.11 -23.42
CA LYS E 56 21.30 -27.37 -22.18
C LYS E 56 21.24 -25.87 -22.40
N ASN E 57 22.04 -25.38 -23.36
CA ASN E 57 22.07 -23.96 -23.66
C ASN E 57 20.72 -23.35 -23.98
N VAL E 58 20.02 -23.95 -24.94
CA VAL E 58 18.70 -23.48 -25.32
C VAL E 58 17.81 -23.42 -24.09
N LEU E 59 17.68 -24.56 -23.41
CA LEU E 59 16.86 -24.65 -22.22
C LEU E 59 17.20 -23.59 -21.17
N HIS E 60 18.48 -23.27 -21.05
CA HIS E 60 18.93 -22.27 -20.09
C HIS E 60 18.31 -20.92 -20.43
N GLU E 61 18.45 -20.52 -21.69
CA GLU E 61 17.90 -19.26 -22.16
C GLU E 61 16.41 -19.27 -21.89
N ARG E 62 15.73 -20.29 -22.39
CA ARG E 62 14.29 -20.41 -22.19
C ARG E 62 13.95 -20.21 -20.72
N MET E 63 14.75 -20.80 -19.85
CA MET E 63 14.51 -20.69 -18.42
C MET E 63 14.62 -19.29 -17.86
N GLU E 64 15.70 -18.61 -18.21
CA GLU E 64 15.93 -17.28 -17.70
C GLU E 64 15.26 -16.16 -18.50
N GLN E 65 15.17 -16.32 -19.82
CA GLN E 65 14.56 -15.32 -20.67
C GLN E 65 13.06 -15.48 -20.93
N SER E 66 12.53 -16.68 -20.65
CA SER E 66 11.11 -16.97 -20.91
C SER E 66 10.26 -17.45 -19.72
N ILE E 67 10.62 -18.58 -19.12
CA ILE E 67 9.83 -19.09 -17.99
C ILE E 67 9.81 -18.11 -16.80
N LEU E 68 10.83 -18.24 -15.95
CA LEU E 68 10.95 -17.41 -14.74
C LEU E 68 10.47 -15.96 -14.79
N PRO E 69 10.81 -15.22 -15.85
CA PRO E 69 10.36 -13.83 -15.92
C PRO E 69 8.84 -13.73 -15.81
N LEU E 70 8.12 -14.77 -16.23
CA LEU E 70 6.65 -14.81 -16.17
C LEU E 70 6.23 -14.83 -14.70
N PHE E 71 7.16 -15.21 -13.83
CA PHE E 71 6.86 -15.31 -12.43
C PHE E 71 7.48 -14.19 -11.59
N ALA E 72 8.10 -13.23 -12.25
CA ALA E 72 8.72 -12.09 -11.55
C ALA E 72 7.74 -11.60 -10.48
N GLY E 73 8.24 -11.20 -9.32
CA GLY E 73 7.33 -10.73 -8.29
C GLY E 73 6.50 -11.82 -7.63
N ARG E 74 6.49 -13.02 -8.20
CA ARG E 74 5.72 -14.11 -7.61
C ARG E 74 6.58 -15.32 -7.20
N ILE E 75 7.89 -15.14 -7.10
CA ILE E 75 8.77 -16.21 -6.66
C ILE E 75 8.93 -15.95 -5.17
N LEU E 76 8.32 -16.80 -4.37
CA LEU E 76 8.33 -16.67 -2.92
C LEU E 76 9.59 -17.10 -2.23
N PRO E 77 10.12 -16.23 -1.36
CA PRO E 77 11.34 -16.53 -0.61
C PRO E 77 11.02 -17.31 0.67
N PHE E 78 12.04 -17.96 1.22
CA PHE E 78 11.88 -18.70 2.46
C PHE E 78 12.51 -17.80 3.54
N ASP E 79 11.70 -16.86 4.05
CA ASP E 79 12.18 -15.91 5.03
C ASP E 79 11.93 -16.36 6.45
N GLU E 80 12.47 -15.59 7.38
CA GLU E 80 12.34 -15.86 8.80
C GLU E 80 10.97 -16.32 9.30
N PRO E 81 9.89 -15.62 8.94
CA PRO E 81 8.55 -16.02 9.39
C PRO E 81 8.17 -17.42 8.90
N VAL E 82 8.39 -17.66 7.62
CA VAL E 82 8.07 -18.94 7.03
C VAL E 82 8.73 -20.03 7.86
N ALA E 83 9.89 -19.72 8.42
CA ALA E 83 10.63 -20.68 9.22
C ALA E 83 9.84 -21.19 10.42
N ALA E 84 9.08 -20.30 11.05
CA ALA E 84 8.27 -20.72 12.19
C ALA E 84 7.30 -21.81 11.73
N ILE E 85 6.49 -21.47 10.71
CA ILE E 85 5.53 -22.42 10.13
C ILE E 85 6.27 -23.73 9.89
N TYR E 86 7.37 -23.65 9.16
CA TYR E 86 8.21 -24.81 8.87
C TYR E 86 8.40 -25.73 10.06
N ALA E 87 8.99 -25.17 11.12
CA ALA E 87 9.25 -25.95 12.31
C ALA E 87 8.00 -26.65 12.82
N GLN E 88 6.84 -26.02 12.68
CA GLN E 88 5.62 -26.63 13.17
C GLN E 88 5.04 -27.64 12.20
N ILE E 89 5.16 -27.39 10.90
CA ILE E 89 4.63 -28.32 9.93
C ILE E 89 5.33 -29.67 10.07
N ARG E 90 6.64 -29.66 10.25
CA ARG E 90 7.42 -30.90 10.36
C ARG E 90 7.25 -31.62 11.69
N SER E 91 7.26 -30.85 12.78
CA SER E 91 7.11 -31.41 14.11
C SER E 91 5.77 -32.13 14.21
N TYR E 92 4.71 -31.44 13.80
CA TYR E 92 3.37 -31.99 13.84
C TYR E 92 3.24 -33.27 13.03
N ALA E 93 4.04 -33.38 11.98
CA ALA E 93 4.00 -34.56 11.13
C ALA E 93 4.67 -35.74 11.81
N LYS E 94 5.80 -35.48 12.47
CA LYS E 94 6.56 -36.53 13.15
C LYS E 94 5.74 -37.15 14.29
N THR E 95 4.91 -36.32 14.94
CA THR E 95 4.08 -36.79 16.05
C THR E 95 2.77 -37.38 15.52
N HIS E 96 2.79 -37.79 14.25
CA HIS E 96 1.65 -38.40 13.60
C HIS E 96 2.21 -39.41 12.61
N GLY E 97 3.40 -39.91 12.93
CA GLY E 97 4.04 -40.90 12.08
C GLY E 97 4.53 -40.36 10.75
N LYS E 98 3.60 -39.97 9.88
CA LYS E 98 3.95 -39.44 8.57
C LYS E 98 5.02 -38.36 8.70
N GLU E 99 6.19 -38.65 8.17
CA GLU E 99 7.30 -37.72 8.20
C GLU E 99 7.30 -36.88 6.94
N ILE E 100 7.80 -35.65 7.07
CA ILE E 100 7.87 -34.73 5.96
C ILE E 100 9.33 -34.37 5.86
N ALA E 101 9.87 -34.36 4.65
CA ALA E 101 11.27 -34.03 4.45
C ALA E 101 11.51 -32.54 4.42
N ALA E 102 12.71 -32.12 4.77
CA ALA E 102 13.03 -30.71 4.79
C ALA E 102 12.50 -29.98 3.53
N ALA E 103 13.00 -30.36 2.36
CA ALA E 103 12.60 -29.72 1.11
C ALA E 103 11.09 -29.55 1.04
N ASP E 104 10.35 -30.63 1.24
CA ASP E 104 8.89 -30.59 1.21
C ASP E 104 8.36 -29.65 2.29
N GLY E 105 9.08 -29.59 3.41
CA GLY E 105 8.64 -28.73 4.48
C GLY E 105 8.73 -27.27 4.08
N TYR E 106 9.86 -26.93 3.45
CA TYR E 106 10.11 -25.57 3.00
C TYR E 106 8.96 -25.17 2.11
N ILE E 107 8.74 -25.91 1.04
CA ILE E 107 7.65 -25.63 0.11
C ILE E 107 6.31 -25.53 0.82
N ALA E 108 5.97 -26.56 1.58
CA ALA E 108 4.72 -26.60 2.32
C ALA E 108 4.63 -25.35 3.16
N ALA E 109 5.58 -25.23 4.09
CA ALA E 109 5.64 -24.09 4.98
C ALA E 109 5.35 -22.79 4.25
N THR E 110 6.02 -22.57 3.13
CA THR E 110 5.81 -21.36 2.35
C THR E 110 4.35 -21.23 2.00
N ALA E 111 3.84 -22.26 1.34
CA ALA E 111 2.45 -22.29 0.94
C ALA E 111 1.55 -21.94 2.11
N LYS E 112 1.69 -22.67 3.21
CA LYS E 112 0.83 -22.41 4.35
C LYS E 112 0.75 -20.96 4.79
N GLN E 113 1.89 -20.32 5.03
CA GLN E 113 1.85 -18.93 5.47
C GLN E 113 0.92 -18.10 4.62
N HIS E 114 1.17 -18.07 3.33
CA HIS E 114 0.36 -17.28 2.41
C HIS E 114 -0.96 -17.97 2.13
N SER E 115 -1.29 -18.98 2.92
CA SER E 115 -2.54 -19.72 2.77
C SER E 115 -2.79 -20.06 1.29
N MET E 116 -1.90 -20.85 0.71
CA MET E 116 -2.05 -21.24 -0.70
C MET E 116 -2.28 -22.74 -0.84
N THR E 117 -2.38 -23.20 -2.09
CA THR E 117 -2.58 -24.60 -2.40
C THR E 117 -1.39 -25.11 -3.19
N VAL E 118 -0.84 -26.24 -2.78
CA VAL E 118 0.30 -26.79 -3.47
C VAL E 118 -0.18 -27.72 -4.58
N ALA E 119 0.35 -27.51 -5.77
CA ALA E 119 -0.01 -28.34 -6.90
C ALA E 119 1.17 -29.27 -7.11
N THR E 120 1.05 -30.51 -6.69
CA THR E 120 2.13 -31.45 -6.84
C THR E 120 1.65 -32.82 -7.30
N ARG E 121 2.58 -33.67 -7.68
CA ARG E 121 2.26 -35.03 -8.13
C ARG E 121 2.36 -35.94 -6.93
N ASP E 122 3.05 -35.46 -5.90
CA ASP E 122 3.26 -36.23 -4.69
C ASP E 122 2.52 -35.62 -3.51
N THR E 123 1.20 -35.60 -3.60
CA THR E 123 0.36 -35.05 -2.54
C THR E 123 0.60 -35.88 -1.28
N GLY E 124 1.17 -37.07 -1.49
CA GLY E 124 1.44 -37.98 -0.40
C GLY E 124 1.94 -37.36 0.88
N SER E 125 2.94 -36.51 0.78
CA SER E 125 3.54 -35.86 1.93
C SER E 125 2.65 -34.72 2.43
N PHE E 126 2.59 -33.67 1.63
CA PHE E 126 1.81 -32.47 1.91
C PHE E 126 0.49 -32.55 2.68
N PHE E 127 -0.25 -33.64 2.55
CA PHE E 127 -1.51 -33.68 3.30
C PHE E 127 -1.21 -33.66 4.79
N ALA E 128 -0.16 -34.36 5.20
CA ALA E 128 0.25 -34.43 6.60
C ALA E 128 0.73 -33.07 7.13
N ALA E 129 0.96 -32.13 6.21
CA ALA E 129 1.42 -30.80 6.54
C ALA E 129 0.26 -29.87 6.88
N ASP E 130 -0.96 -30.40 6.77
CA ASP E 130 -2.16 -29.62 7.07
C ASP E 130 -2.31 -28.45 6.09
N VAL E 131 -1.98 -28.70 4.83
CA VAL E 131 -2.06 -27.70 3.75
C VAL E 131 -2.81 -28.25 2.54
N ALA E 132 -3.54 -27.39 1.86
CA ALA E 132 -4.29 -27.83 0.69
C ALA E 132 -3.41 -28.24 -0.49
N VAL E 133 -3.66 -29.43 -1.03
CA VAL E 133 -2.89 -29.93 -2.16
C VAL E 133 -3.81 -30.28 -3.31
N PHE E 134 -3.24 -30.38 -4.51
CA PHE E 134 -3.99 -30.75 -5.69
C PHE E 134 -3.09 -31.47 -6.68
N ASN E 135 -3.50 -32.67 -7.06
CA ASN E 135 -2.72 -33.47 -7.99
C ASN E 135 -3.25 -33.21 -9.38
N PRO E 136 -2.51 -32.48 -10.22
CA PRO E 136 -3.05 -32.24 -11.56
C PRO E 136 -3.13 -33.53 -12.37
N TRP E 137 -2.49 -34.59 -11.88
CA TRP E 137 -2.50 -35.88 -12.56
C TRP E 137 -3.84 -36.60 -12.39
N HIS E 138 -4.45 -36.41 -11.24
CA HIS E 138 -5.74 -37.03 -10.96
C HIS E 138 -6.89 -36.21 -11.58
N LEU E 139 -8.13 -36.57 -11.22
CA LEU E 139 -9.31 -35.89 -11.74
C LEU E 139 -9.93 -35.06 -10.64
N GLU E 140 -11.07 -34.44 -10.94
CA GLU E 140 -11.78 -33.63 -9.96
C GLU E 140 -13.22 -34.10 -9.89
N HIS E 141 -13.75 -34.26 -8.68
CA HIS E 141 -15.10 -34.75 -8.51
C HIS E 141 -16.03 -33.83 -7.72
N HIS E 142 -16.94 -34.43 -6.96
CA HIS E 142 -17.92 -33.69 -6.15
C HIS E 142 -17.40 -33.33 -4.77
N HIS E 143 -18.19 -32.49 -4.10
CA HIS E 143 -17.91 -32.02 -2.74
C HIS E 143 -19.16 -32.27 -1.91
N MET F 1 31.48 -9.69 6.57
CA MET F 1 30.60 -10.06 7.71
C MET F 1 30.73 -11.56 8.01
N ILE F 2 29.93 -12.07 8.95
CA ILE F 2 29.99 -13.49 9.30
C ILE F 2 28.65 -14.23 9.41
N LEU F 3 28.53 -15.34 8.70
CA LEU F 3 27.31 -16.13 8.73
C LEU F 3 27.62 -17.42 9.48
N LEU F 4 26.85 -17.69 10.53
CA LEU F 4 27.07 -18.90 11.33
C LEU F 4 26.30 -20.10 10.81
N ASP F 5 27.02 -21.13 10.38
CA ASP F 5 26.38 -22.34 9.88
C ASP F 5 25.62 -22.93 11.06
N THR F 6 24.61 -23.75 10.77
CA THR F 6 23.79 -24.34 11.81
C THR F 6 24.57 -25.02 12.95
N ASN F 7 25.57 -25.81 12.62
CA ASN F 7 26.32 -26.52 13.65
C ASN F 7 27.05 -25.62 14.62
N VAL F 8 27.55 -24.48 14.14
CA VAL F 8 28.27 -23.59 15.05
C VAL F 8 27.33 -22.91 16.02
N ILE F 9 26.30 -22.27 15.47
CA ILE F 9 25.35 -21.55 16.31
C ILE F 9 24.64 -22.43 17.32
N SER F 10 24.71 -23.74 17.17
CA SER F 10 24.03 -24.61 18.11
C SER F 10 24.94 -25.40 19.04
N GLU F 11 26.24 -25.25 18.85
CA GLU F 11 27.19 -25.96 19.69
C GLU F 11 27.07 -25.61 21.15
N PRO F 12 27.10 -24.32 21.49
CA PRO F 12 27.01 -23.86 22.88
C PRO F 12 25.88 -24.49 23.67
N LEU F 13 24.82 -24.89 22.96
CA LEU F 13 23.69 -25.49 23.62
C LEU F 13 23.90 -26.96 23.92
N ARG F 14 24.78 -27.60 23.17
CA ARG F 14 25.02 -29.03 23.38
C ARG F 14 25.46 -29.28 24.82
N PRO F 15 25.25 -30.51 25.33
CA PRO F 15 25.60 -30.92 26.71
C PRO F 15 26.97 -30.43 27.19
N GLN F 16 28.03 -30.94 26.60
CA GLN F 16 29.39 -30.54 26.97
C GLN F 16 29.95 -29.65 25.86
N PRO F 17 29.41 -28.42 25.75
CA PRO F 17 29.85 -27.47 24.74
C PRO F 17 31.34 -27.27 24.68
N ASN F 18 31.86 -27.28 23.46
CA ASN F 18 33.27 -27.10 23.18
C ASN F 18 33.65 -25.65 23.50
N GLU F 19 34.55 -25.46 24.47
CA GLU F 19 34.97 -24.13 24.90
C GLU F 19 35.66 -23.23 23.88
N ARG F 20 36.34 -23.84 22.90
CA ARG F 20 37.02 -23.04 21.89
C ARG F 20 35.99 -22.33 21.03
N VAL F 21 34.86 -23.00 20.79
CA VAL F 21 33.81 -22.42 19.98
C VAL F 21 33.04 -21.36 20.75
N VAL F 22 32.85 -21.60 22.04
CA VAL F 22 32.15 -20.63 22.85
C VAL F 22 32.99 -19.36 22.93
N ALA F 23 34.26 -19.50 23.28
CA ALA F 23 35.14 -18.34 23.41
C ALA F 23 35.25 -17.52 22.13
N TRP F 24 35.18 -18.15 20.96
CA TRP F 24 35.26 -17.40 19.71
C TRP F 24 33.97 -16.64 19.46
N LEU F 25 32.84 -17.28 19.76
CA LEU F 25 31.58 -16.61 19.56
C LEU F 25 31.54 -15.39 20.46
N ASP F 26 32.25 -15.46 21.58
CA ASP F 26 32.30 -14.34 22.52
C ASP F 26 33.16 -13.19 22.06
N SER F 27 34.07 -13.44 21.12
CA SER F 27 34.94 -12.39 20.62
C SER F 27 34.30 -11.64 19.45
N LEU F 28 33.14 -12.10 18.99
CA LEU F 28 32.48 -11.48 17.84
C LEU F 28 31.59 -10.27 18.17
N ILE F 29 31.40 -9.40 17.17
CA ILE F 29 30.55 -8.22 17.32
C ILE F 29 29.17 -8.56 16.77
N LEU F 30 28.30 -9.00 17.66
CA LEU F 30 26.94 -9.40 17.31
C LEU F 30 26.36 -8.74 16.07
N GLU F 31 26.52 -7.44 15.97
CA GLU F 31 25.99 -6.69 14.83
C GLU F 31 26.61 -7.13 13.48
N ASP F 32 27.58 -8.03 13.53
CA ASP F 32 28.22 -8.51 12.30
C ASP F 32 27.99 -9.98 12.05
N VAL F 33 27.21 -10.62 12.93
CA VAL F 33 26.92 -12.03 12.82
C VAL F 33 25.52 -12.25 12.30
N TYR F 34 25.38 -13.10 11.28
CA TYR F 34 24.08 -13.37 10.68
C TYR F 34 23.63 -14.82 10.78
N LEU F 35 22.40 -15.07 10.33
CA LEU F 35 21.84 -16.41 10.34
C LEU F 35 20.99 -16.54 9.10
N SER F 36 20.90 -17.75 8.56
CA SER F 36 20.07 -17.96 7.40
C SER F 36 18.73 -18.49 7.90
N ALA F 37 17.63 -18.01 7.30
CA ALA F 37 16.32 -18.49 7.67
C ALA F 37 16.37 -20.02 7.66
N ILE F 38 17.12 -20.61 6.73
CA ILE F 38 17.28 -22.06 6.63
C ILE F 38 17.81 -22.56 7.98
N THR F 39 18.90 -21.95 8.43
CA THR F 39 19.47 -22.33 9.70
C THR F 39 18.48 -22.06 10.81
N VAL F 40 17.80 -20.91 10.76
CA VAL F 40 16.84 -20.60 11.80
C VAL F 40 15.69 -21.59 11.79
N ALA F 41 15.39 -22.16 10.63
CA ALA F 41 14.30 -23.13 10.54
C ALA F 41 14.65 -24.43 11.27
N GLU F 42 15.88 -24.88 11.10
CA GLU F 42 16.31 -26.12 11.74
C GLU F 42 16.48 -25.92 13.24
N MET F 43 16.89 -24.72 13.64
CA MET F 43 17.02 -24.41 15.05
C MET F 43 15.65 -24.60 15.68
N ARG F 44 14.66 -23.88 15.14
CA ARG F 44 13.29 -23.95 15.62
C ARG F 44 12.71 -25.35 15.58
N LEU F 45 12.95 -26.08 14.50
CA LEU F 45 12.44 -27.44 14.42
C LEU F 45 13.08 -28.27 15.52
N GLY F 46 14.36 -28.03 15.75
CA GLY F 46 15.08 -28.75 16.79
C GLY F 46 14.36 -28.63 18.12
N VAL F 47 13.83 -27.44 18.39
CA VAL F 47 13.10 -27.20 19.62
C VAL F 47 11.73 -27.86 19.57
N ALA F 48 11.11 -27.87 18.39
CA ALA F 48 9.78 -28.45 18.27
C ALA F 48 9.74 -29.96 18.49
N LEU F 49 10.78 -30.66 18.04
CA LEU F 49 10.82 -32.11 18.17
C LEU F 49 11.12 -32.65 19.57
N LEU F 50 10.97 -31.80 20.59
CA LEU F 50 11.21 -32.22 21.97
C LEU F 50 9.88 -32.50 22.67
N LEU F 51 9.86 -33.53 23.52
CA LEU F 51 8.64 -33.88 24.23
C LEU F 51 8.16 -32.70 25.08
N ASN F 52 6.94 -32.23 24.82
CA ASN F 52 6.38 -31.11 25.56
C ASN F 52 6.76 -31.22 27.04
N GLY F 53 7.31 -30.15 27.58
CA GLY F 53 7.72 -30.17 28.98
C GLY F 53 8.52 -28.94 29.35
N LYS F 54 8.92 -28.86 30.62
CA LYS F 54 9.69 -27.73 31.11
C LYS F 54 10.88 -27.47 30.18
N LYS F 55 11.65 -28.52 29.89
CA LYS F 55 12.81 -28.39 29.02
C LYS F 55 12.40 -27.70 27.72
N LYS F 56 11.51 -28.33 26.97
CA LYS F 56 11.05 -27.78 25.69
C LYS F 56 10.48 -26.37 25.86
N ASN F 57 9.58 -26.22 26.83
CA ASN F 57 8.95 -24.94 27.11
C ASN F 57 9.91 -23.79 27.38
N VAL F 58 10.96 -24.06 28.15
CA VAL F 58 11.96 -23.05 28.48
C VAL F 58 12.88 -22.80 27.29
N LEU F 59 13.31 -23.88 26.65
CA LEU F 59 14.18 -23.77 25.50
C LEU F 59 13.49 -22.86 24.49
N HIS F 60 12.21 -23.13 24.27
CA HIS F 60 11.43 -22.34 23.34
C HIS F 60 11.40 -20.88 23.79
N GLU F 61 11.03 -20.65 25.04
CA GLU F 61 10.98 -19.33 25.63
C GLU F 61 12.27 -18.58 25.31
N ARG F 62 13.39 -19.16 25.72
CA ARG F 62 14.71 -18.58 25.52
C ARG F 62 15.07 -18.38 24.04
N MET F 63 14.64 -19.32 23.20
CA MET F 63 14.92 -19.26 21.78
C MET F 63 14.23 -18.10 21.09
N GLU F 64 13.07 -17.72 21.62
CA GLU F 64 12.30 -16.63 21.04
C GLU F 64 12.43 -15.27 21.71
N GLN F 65 12.79 -15.24 22.99
CA GLN F 65 12.92 -13.97 23.68
C GLN F 65 14.37 -13.53 23.88
N SER F 66 15.26 -14.52 24.02
CA SER F 66 16.67 -14.27 24.29
C SER F 66 17.68 -14.50 23.16
N ILE F 67 17.48 -15.52 22.33
CA ILE F 67 18.44 -15.81 21.26
C ILE F 67 18.15 -15.12 19.93
N LEU F 68 17.10 -15.54 19.24
CA LEU F 68 16.75 -14.98 17.94
C LEU F 68 16.60 -13.45 17.91
N PRO F 69 16.03 -12.85 18.97
CA PRO F 69 15.89 -11.39 18.96
C PRO F 69 17.25 -10.71 18.80
N LEU F 70 18.32 -11.44 19.09
CA LEU F 70 19.68 -10.92 18.97
C LEU F 70 20.09 -10.80 17.50
N PHE F 71 19.41 -11.56 16.65
CA PHE F 71 19.70 -11.55 15.23
C PHE F 71 18.63 -10.84 14.41
N ALA F 72 17.66 -10.27 15.11
CA ALA F 72 16.58 -9.55 14.48
C ALA F 72 17.12 -8.59 13.43
N GLY F 73 16.72 -8.79 12.19
CA GLY F 73 17.17 -7.90 11.13
C GLY F 73 18.36 -8.42 10.36
N ARG F 74 19.01 -9.44 10.89
CA ARG F 74 20.17 -10.04 10.22
C ARG F 74 19.93 -11.51 9.86
N ILE F 75 18.68 -11.91 9.72
CA ILE F 75 18.34 -13.30 9.36
C ILE F 75 17.99 -13.36 7.88
N LEU F 76 19.02 -13.60 7.06
CA LEU F 76 18.95 -13.64 5.59
C LEU F 76 18.00 -14.64 4.95
N PRO F 77 17.06 -14.15 4.13
CA PRO F 77 16.08 -14.98 3.45
C PRO F 77 16.68 -15.69 2.24
N PHE F 78 16.14 -16.86 1.90
CA PHE F 78 16.62 -17.59 0.73
C PHE F 78 15.70 -17.15 -0.36
N ASP F 79 16.20 -16.34 -1.29
CA ASP F 79 15.39 -15.82 -2.38
C ASP F 79 15.87 -16.17 -3.78
N GLU F 80 15.13 -15.67 -4.77
CA GLU F 80 15.45 -15.91 -6.17
C GLU F 80 16.94 -15.73 -6.42
N PRO F 81 17.46 -14.51 -6.21
CA PRO F 81 18.89 -14.23 -6.41
C PRO F 81 19.79 -15.34 -5.84
N VAL F 82 19.56 -15.68 -4.59
CA VAL F 82 20.32 -16.72 -3.94
C VAL F 82 20.11 -18.04 -4.67
N ALA F 83 18.87 -18.35 -5.01
CA ALA F 83 18.58 -19.61 -5.71
C ALA F 83 19.48 -19.81 -6.91
N ALA F 84 19.74 -18.75 -7.66
CA ALA F 84 20.60 -18.85 -8.83
C ALA F 84 22.01 -19.24 -8.39
N ILE F 85 22.54 -18.53 -7.40
CA ILE F 85 23.87 -18.79 -6.85
C ILE F 85 23.96 -20.26 -6.40
N TYR F 86 22.97 -20.67 -5.62
CA TYR F 86 22.91 -22.02 -5.10
C TYR F 86 23.04 -23.01 -6.23
N ALA F 87 22.40 -22.71 -7.36
CA ALA F 87 22.44 -23.59 -8.53
C ALA F 87 23.81 -23.66 -9.14
N GLN F 88 24.53 -22.54 -9.15
CA GLN F 88 25.87 -22.56 -9.71
C GLN F 88 26.75 -23.33 -8.74
N ILE F 89 26.71 -22.93 -7.46
CA ILE F 89 27.53 -23.59 -6.44
C ILE F 89 27.40 -25.11 -6.45
N ARG F 90 26.18 -25.63 -6.42
CA ARG F 90 26.03 -27.07 -6.42
C ARG F 90 26.37 -27.73 -7.75
N SER F 91 26.05 -27.10 -8.86
CA SER F 91 26.34 -27.70 -10.14
C SER F 91 27.83 -27.88 -10.34
N TYR F 92 28.60 -26.83 -10.09
CA TYR F 92 30.03 -26.86 -10.26
C TYR F 92 30.71 -27.96 -9.43
N ALA F 93 30.56 -27.84 -8.12
CA ALA F 93 31.15 -28.79 -7.19
C ALA F 93 30.79 -30.23 -7.54
N LYS F 94 29.53 -30.44 -7.85
CA LYS F 94 29.02 -31.76 -8.17
C LYS F 94 29.56 -32.32 -9.49
N THR F 95 29.64 -31.48 -10.50
CA THR F 95 30.15 -31.96 -11.78
C THR F 95 31.65 -31.84 -11.74
N HIS F 96 32.20 -32.02 -10.54
CA HIS F 96 33.64 -32.01 -10.32
C HIS F 96 34.02 -33.02 -9.25
N GLY F 97 33.04 -33.80 -8.81
CA GLY F 97 33.32 -34.82 -7.83
C GLY F 97 33.14 -34.50 -6.37
N LYS F 98 32.83 -33.25 -6.03
CA LYS F 98 32.63 -32.95 -4.62
C LYS F 98 31.16 -32.74 -4.31
N GLU F 99 30.51 -33.72 -3.70
CA GLU F 99 29.10 -33.57 -3.39
C GLU F 99 28.89 -32.48 -2.36
N ILE F 100 27.93 -31.59 -2.63
CA ILE F 100 27.59 -30.52 -1.70
C ILE F 100 26.16 -30.76 -1.27
N ALA F 101 25.96 -31.03 0.01
CA ALA F 101 24.63 -31.26 0.52
C ALA F 101 23.76 -30.03 0.26
N ALA F 102 22.53 -30.25 -0.20
CA ALA F 102 21.58 -29.17 -0.46
C ALA F 102 21.45 -28.31 0.78
N ALA F 103 21.63 -28.96 1.93
CA ALA F 103 21.54 -28.25 3.20
C ALA F 103 22.60 -27.16 3.18
N ASP F 104 23.86 -27.58 3.13
CA ASP F 104 24.99 -26.65 3.11
C ASP F 104 24.90 -25.70 1.93
N GLY F 105 24.43 -26.18 0.79
CA GLY F 105 24.31 -25.33 -0.39
C GLY F 105 23.56 -24.04 -0.14
N TYR F 106 22.41 -24.13 0.54
CA TYR F 106 21.57 -22.96 0.87
C TYR F 106 22.32 -21.88 1.63
N ILE F 107 23.25 -22.30 2.48
CA ILE F 107 24.07 -21.38 3.27
C ILE F 107 25.18 -20.81 2.40
N ALA F 108 26.02 -21.68 1.88
CA ALA F 108 27.12 -21.27 1.02
C ALA F 108 26.66 -20.25 0.01
N ALA F 109 25.44 -20.45 -0.50
CA ALA F 109 24.82 -19.56 -1.47
C ALA F 109 24.45 -18.24 -0.83
N THR F 110 23.84 -18.31 0.35
CA THR F 110 23.45 -17.11 1.07
C THR F 110 24.71 -16.30 1.32
N ALA F 111 25.77 -16.99 1.77
CA ALA F 111 27.04 -16.36 2.08
C ALA F 111 27.70 -15.78 0.83
N LYS F 112 27.74 -16.59 -0.22
CA LYS F 112 28.35 -16.16 -1.49
C LYS F 112 27.61 -14.93 -2.04
N GLN F 113 26.33 -14.80 -1.69
CA GLN F 113 25.50 -13.69 -2.14
C GLN F 113 26.03 -12.36 -1.66
N HIS F 114 26.08 -12.18 -0.34
CA HIS F 114 26.55 -10.93 0.28
C HIS F 114 28.01 -10.91 0.69
N SER F 115 28.79 -11.84 0.16
CA SER F 115 30.21 -11.92 0.48
C SER F 115 30.41 -11.99 2.00
N MET F 116 30.20 -13.18 2.56
CA MET F 116 30.37 -13.37 3.99
C MET F 116 31.30 -14.52 4.22
N THR F 117 31.84 -14.58 5.43
CA THR F 117 32.71 -15.68 5.79
C THR F 117 31.85 -16.60 6.64
N VAL F 118 31.64 -17.81 6.14
CA VAL F 118 30.83 -18.79 6.83
C VAL F 118 31.62 -19.42 7.96
N ALA F 119 30.96 -19.69 9.08
CA ALA F 119 31.62 -20.31 10.22
C ALA F 119 31.03 -21.70 10.33
N THR F 120 31.85 -22.73 10.24
CA THR F 120 31.31 -24.08 10.30
C THR F 120 32.39 -25.13 10.58
N ARG F 121 32.01 -26.28 11.11
CA ARG F 121 32.96 -27.35 11.41
C ARG F 121 33.18 -28.22 10.17
N ASP F 122 32.36 -27.98 9.13
CA ASP F 122 32.42 -28.71 7.88
C ASP F 122 33.07 -27.86 6.80
N THR F 123 34.29 -27.38 7.04
CA THR F 123 34.96 -26.52 6.08
C THR F 123 35.02 -27.02 4.65
N GLY F 124 35.22 -28.33 4.49
CA GLY F 124 35.32 -28.92 3.16
C GLY F 124 34.29 -28.51 2.12
N SER F 125 33.02 -28.56 2.48
CA SER F 125 32.01 -28.19 1.51
C SER F 125 32.28 -26.78 1.01
N PHE F 126 32.15 -25.80 1.90
CA PHE F 126 32.34 -24.40 1.55
C PHE F 126 33.59 -24.01 0.76
N PHE F 127 34.72 -24.67 1.00
CA PHE F 127 35.90 -24.34 0.22
C PHE F 127 35.55 -24.58 -1.25
N ALA F 128 34.93 -25.73 -1.51
CA ALA F 128 34.51 -26.12 -2.85
C ALA F 128 33.46 -25.18 -3.47
N ALA F 129 32.71 -24.46 -2.63
CA ALA F 129 31.70 -23.53 -3.11
C ALA F 129 32.24 -22.12 -3.28
N ASP F 130 33.56 -22.00 -3.09
CA ASP F 130 34.25 -20.73 -3.21
C ASP F 130 33.68 -19.68 -2.26
N VAL F 131 33.68 -19.98 -0.97
CA VAL F 131 33.16 -19.07 0.03
C VAL F 131 34.12 -19.05 1.23
N ALA F 132 34.45 -17.86 1.73
CA ALA F 132 35.34 -17.74 2.87
C ALA F 132 34.83 -18.61 4.03
N VAL F 133 35.72 -19.41 4.60
CA VAL F 133 35.33 -20.31 5.69
C VAL F 133 36.18 -20.11 6.92
N PHE F 134 35.64 -20.50 8.07
CA PHE F 134 36.38 -20.43 9.32
C PHE F 134 35.91 -21.53 10.27
N ASN F 135 36.88 -22.29 10.79
CA ASN F 135 36.58 -23.39 11.69
C ASN F 135 36.83 -22.92 13.13
N PRO F 136 35.76 -22.53 13.85
CA PRO F 136 35.85 -22.04 15.23
C PRO F 136 36.26 -23.09 16.24
N TRP F 137 36.65 -24.26 15.73
CA TRP F 137 37.08 -25.35 16.59
C TRP F 137 38.58 -25.23 16.77
N HIS F 138 39.19 -24.41 15.91
CA HIS F 138 40.62 -24.12 15.97
C HIS F 138 40.73 -22.73 16.57
N LEU F 139 41.94 -22.17 16.48
CA LEU F 139 42.20 -20.83 16.99
C LEU F 139 42.53 -19.84 15.87
N GLU F 140 42.70 -18.57 16.26
CA GLU F 140 43.02 -17.43 15.39
C GLU F 140 41.77 -16.71 14.87
N ALA G 1 5.76 20.95 28.04
CA ALA G 1 5.27 19.66 27.46
C ALA G 1 5.92 18.53 28.24
N SER G 2 5.09 17.68 28.83
CA SER G 2 5.58 16.55 29.59
C SER G 2 4.89 15.27 29.15
N VAL G 3 5.58 14.14 29.27
CA VAL G 3 5.01 12.86 28.89
C VAL G 3 5.57 11.72 29.74
N VAL G 4 4.74 10.74 30.06
CA VAL G 4 5.19 9.62 30.86
C VAL G 4 5.46 8.38 30.04
N ILE G 5 6.31 7.52 30.57
CA ILE G 5 6.62 6.29 29.88
C ILE G 5 6.56 5.18 30.94
N ARG G 6 5.47 4.41 30.93
CA ARG G 6 5.32 3.32 31.88
C ARG G 6 5.74 2.03 31.20
N ASN G 7 5.91 0.98 31.99
CA ASN G 7 6.32 -0.31 31.45
C ASN G 7 7.53 -0.18 30.57
N LEU G 8 8.58 0.41 31.15
CA LEU G 8 9.83 0.59 30.47
C LEU G 8 10.71 -0.51 31.01
N SER G 9 11.22 -1.34 30.11
CA SER G 9 12.09 -2.43 30.49
C SER G 9 13.02 -1.97 31.61
N GLU G 10 13.13 -2.78 32.65
CA GLU G 10 13.98 -2.41 33.77
C GLU G 10 15.45 -2.34 33.34
N ALA G 11 15.81 -3.11 32.31
CA ALA G 11 17.17 -3.14 31.80
C ALA G 11 17.44 -1.85 31.05
N THR G 12 16.47 -1.45 30.27
CA THR G 12 16.57 -0.24 29.48
C THR G 12 16.75 0.94 30.42
N HIS G 13 15.96 0.96 31.48
CA HIS G 13 16.03 2.04 32.46
C HIS G 13 17.47 2.20 32.94
N ASN G 14 18.05 1.13 33.49
CA ASN G 14 19.42 1.18 33.98
C ASN G 14 20.38 1.66 32.90
N ALA G 15 20.25 1.11 31.70
CA ALA G 15 21.11 1.50 30.61
C ALA G 15 21.08 3.03 30.45
N ILE G 16 19.89 3.62 30.53
CA ILE G 16 19.72 5.06 30.37
C ILE G 16 20.23 5.80 31.58
N LYS G 17 19.95 5.25 32.74
CA LYS G 17 20.42 5.85 33.98
C LYS G 17 21.95 5.88 33.88
N PHE G 18 22.54 4.79 33.39
CA PHE G 18 23.99 4.71 33.24
C PHE G 18 24.52 5.78 32.30
N ARG G 19 24.00 5.80 31.09
CA ARG G 19 24.42 6.77 30.07
C ARG G 19 24.36 8.18 30.60
N ALA G 20 23.36 8.46 31.41
CA ALA G 20 23.19 9.79 31.97
C ALA G 20 24.29 10.10 32.98
N ARG G 21 24.57 9.14 33.86
CA ARG G 21 25.61 9.31 34.87
C ARG G 21 26.97 9.44 34.18
N ALA G 22 27.16 8.70 33.09
CA ALA G 22 28.40 8.73 32.33
C ALA G 22 28.63 10.16 31.84
N ALA G 23 27.58 10.74 31.30
CA ALA G 23 27.61 12.13 30.86
C ALA G 23 27.30 12.81 32.19
N GLY G 24 27.36 14.13 32.27
CA GLY G 24 27.08 14.72 33.57
C GLY G 24 25.64 15.17 33.72
N ARG G 25 24.70 14.31 33.32
CA ARG G 25 23.30 14.71 33.37
C ARG G 25 22.41 13.84 34.26
N SER G 26 21.19 14.32 34.46
CA SER G 26 20.20 13.59 35.22
C SER G 26 19.56 12.68 34.18
N THR G 27 18.86 11.65 34.64
CA THR G 27 18.25 10.75 33.68
C THR G 27 17.24 11.49 32.80
N GLU G 28 16.44 12.37 33.41
CA GLU G 28 15.44 13.10 32.64
C GLU G 28 16.12 13.94 31.59
N ALA G 29 17.19 14.62 31.98
CA ALA G 29 17.93 15.47 31.07
C ALA G 29 18.48 14.68 29.90
N GLU G 30 18.95 13.47 30.18
CA GLU G 30 19.50 12.59 29.15
C GLU G 30 18.43 12.14 28.16
N ILE G 31 17.21 11.89 28.65
CA ILE G 31 16.09 11.48 27.80
C ILE G 31 15.81 12.69 26.90
N ARG G 32 15.64 13.85 27.52
CA ARG G 32 15.38 15.10 26.80
C ARG G 32 16.37 15.25 25.65
N LEU G 33 17.65 15.01 25.92
CA LEU G 33 18.66 15.17 24.89
C LEU G 33 18.70 14.07 23.83
N ILE G 34 18.51 12.81 24.21
CA ILE G 34 18.55 11.77 23.18
C ILE G 34 17.32 11.95 22.31
N LEU G 35 16.30 12.60 22.86
CA LEU G 35 15.06 12.86 22.15
C LEU G 35 15.26 14.06 21.24
N ASP G 36 15.59 15.18 21.86
CA ASP G 36 15.84 16.41 21.12
C ASP G 36 16.80 16.16 19.95
N ASN G 37 17.78 15.28 20.14
CA ASN G 37 18.74 15.00 19.09
C ASN G 37 18.13 14.37 17.84
N ILE G 38 17.29 13.36 18.00
CA ILE G 38 16.70 12.73 16.83
C ILE G 38 15.67 13.68 16.21
N ALA G 39 15.05 14.49 17.05
CA ALA G 39 14.05 15.44 16.57
C ALA G 39 14.71 16.39 15.58
N LYS G 40 15.85 16.93 15.97
CA LYS G 40 16.60 17.86 15.12
C LYS G 40 16.99 17.16 13.82
N ALA G 41 17.06 15.84 13.89
CA ALA G 41 17.40 15.05 12.72
C ALA G 41 16.19 15.03 11.78
N GLN G 42 14.98 14.87 12.34
CA GLN G 42 13.76 14.86 11.53
C GLN G 42 13.57 16.22 10.85
N GLN G 43 14.09 17.26 11.49
CA GLN G 43 13.96 18.63 10.98
C GLN G 43 14.76 18.81 9.70
N THR G 44 14.18 18.38 8.58
CA THR G 44 14.85 18.51 7.29
C THR G 44 14.83 19.97 6.85
N VAL G 45 13.73 20.65 7.14
CA VAL G 45 13.61 22.06 6.78
C VAL G 45 12.74 22.83 7.77
N ARG G 46 13.05 24.10 7.95
CA ARG G 46 12.27 24.93 8.87
C ARG G 46 11.39 25.85 8.03
N LEU G 47 10.15 25.43 7.83
CA LEU G 47 9.20 26.17 7.01
C LEU G 47 9.13 27.66 7.33
N GLY G 48 8.97 28.01 8.60
CA GLY G 48 8.89 29.40 8.98
C GLY G 48 10.02 30.24 8.41
N SER G 49 11.22 30.04 8.93
CA SER G 49 12.40 30.77 8.48
C SER G 49 12.58 30.69 6.97
N MET G 50 12.14 29.60 6.38
CA MET G 50 12.25 29.39 4.94
C MET G 50 11.44 30.44 4.19
N LEU G 51 10.15 30.51 4.51
CA LEU G 51 9.25 31.47 3.87
C LEU G 51 9.69 32.90 4.20
N ALA G 52 10.20 33.09 5.41
CA ALA G 52 10.65 34.41 5.83
C ALA G 52 11.70 34.92 4.89
N SER G 53 12.70 34.08 4.61
CA SER G 53 13.76 34.48 3.71
C SER G 53 13.12 35.00 2.44
N ILE G 54 12.31 34.16 1.81
CA ILE G 54 11.62 34.54 0.59
C ILE G 54 11.00 35.91 0.78
N GLY G 55 10.50 36.16 1.98
CA GLY G 55 9.90 37.45 2.27
C GLY G 55 10.95 38.53 2.22
N GLN G 56 12.04 38.33 2.95
CA GLN G 56 13.11 39.31 3.00
C GLN G 56 13.76 39.54 1.64
N GLU G 57 13.87 38.50 0.83
CA GLU G 57 14.46 38.66 -0.49
C GLU G 57 13.71 39.69 -1.31
N ILE G 58 12.39 39.71 -1.18
CA ILE G 58 11.56 40.63 -1.95
C ILE G 58 11.08 41.86 -1.20
N GLY G 59 11.58 42.05 0.02
CA GLY G 59 11.16 43.20 0.79
C GLY G 59 9.76 43.04 1.32
N GLY G 60 9.26 41.82 1.28
CA GLY G 60 7.93 41.54 1.79
C GLY G 60 6.78 41.87 0.86
N VAL G 61 5.78 41.01 0.84
CA VAL G 61 4.60 41.22 0.02
C VAL G 61 3.37 41.28 0.88
N GLU G 62 2.27 41.66 0.25
CA GLU G 62 0.99 41.74 0.92
C GLU G 62 0.00 41.28 -0.14
N LEU G 63 -0.25 39.97 -0.18
CA LEU G 63 -1.17 39.44 -1.16
C LEU G 63 -2.59 39.93 -0.88
N GLU G 64 -3.40 40.07 -1.92
CA GLU G 64 -4.77 40.52 -1.74
C GLU G 64 -5.48 39.42 -0.96
N ASP G 65 -6.61 39.76 -0.35
CA ASP G 65 -7.34 38.78 0.42
C ASP G 65 -7.94 37.69 -0.44
N VAL G 66 -8.93 38.05 -1.25
CA VAL G 66 -9.59 37.09 -2.13
C VAL G 66 -10.22 35.95 -1.35
N ARG G 67 -11.43 36.16 -0.84
CA ARG G 67 -12.13 35.12 -0.08
C ARG G 67 -13.39 35.73 0.48
N GLY G 68 -14.53 35.29 -0.05
CA GLY G 68 -15.82 35.80 0.40
C GLY G 68 -16.06 35.63 1.89
N ALA H 1 -32.77 -10.91 -7.27
CA ALA H 1 -33.09 -12.15 -8.03
C ALA H 1 -31.92 -13.11 -7.98
N SER H 2 -32.21 -14.40 -8.09
CA SER H 2 -31.17 -15.41 -8.07
C SER H 2 -30.94 -15.94 -9.47
N VAL H 3 -29.73 -16.39 -9.76
CA VAL H 3 -29.42 -16.94 -11.06
C VAL H 3 -28.31 -17.98 -10.88
N VAL H 4 -28.50 -19.17 -11.46
CA VAL H 4 -27.52 -20.24 -11.35
C VAL H 4 -26.80 -20.46 -12.67
N ILE H 5 -25.48 -20.43 -12.63
CA ILE H 5 -24.69 -20.66 -13.82
C ILE H 5 -23.97 -22.00 -13.69
N ARG H 6 -24.39 -22.98 -14.48
CA ARG H 6 -23.78 -24.29 -14.41
C ARG H 6 -22.94 -24.57 -15.64
N ASN H 7 -22.15 -25.62 -15.60
CA ASN H 7 -21.28 -25.99 -16.70
C ASN H 7 -20.43 -24.80 -17.16
N LEU H 8 -19.86 -24.11 -16.19
CA LEU H 8 -19.02 -22.97 -16.47
C LEU H 8 -17.59 -23.49 -16.62
N SER H 9 -16.98 -23.22 -17.77
CA SER H 9 -15.63 -23.65 -18.01
C SER H 9 -14.82 -23.44 -16.75
N GLU H 10 -13.95 -24.38 -16.43
CA GLU H 10 -13.11 -24.26 -15.24
C GLU H 10 -12.22 -23.03 -15.29
N ALA H 11 -11.57 -22.82 -16.43
CA ALA H 11 -10.68 -21.69 -16.61
C ALA H 11 -11.44 -20.39 -16.46
N THR H 12 -12.52 -20.23 -17.23
CA THR H 12 -13.31 -19.01 -17.16
C THR H 12 -13.64 -18.69 -15.70
N HIS H 13 -13.86 -19.74 -14.91
CA HIS H 13 -14.16 -19.58 -13.50
C HIS H 13 -12.91 -19.14 -12.73
N ASN H 14 -11.77 -19.76 -13.00
CA ASN H 14 -10.53 -19.39 -12.35
C ASN H 14 -10.28 -17.90 -12.62
N ALA H 15 -10.42 -17.52 -13.88
CA ALA H 15 -10.22 -16.13 -14.30
C ALA H 15 -11.09 -15.12 -13.55
N ILE H 16 -12.38 -15.41 -13.43
CA ILE H 16 -13.28 -14.51 -12.74
C ILE H 16 -12.89 -14.46 -11.27
N LYS H 17 -12.62 -15.63 -10.69
CA LYS H 17 -12.23 -15.71 -9.30
C LYS H 17 -11.04 -14.79 -9.11
N PHE H 18 -10.12 -14.81 -10.07
CA PHE H 18 -8.93 -13.97 -10.02
C PHE H 18 -9.25 -12.49 -9.98
N ARG H 19 -10.10 -12.05 -10.90
CA ARG H 19 -10.50 -10.65 -10.99
C ARG H 19 -11.10 -10.18 -9.68
N ALA H 20 -11.99 -11.00 -9.15
CA ALA H 20 -12.68 -10.70 -7.90
C ALA H 20 -11.71 -10.47 -6.75
N ARG H 21 -10.88 -11.46 -6.48
CA ARG H 21 -9.95 -11.37 -5.39
C ARG H 21 -8.95 -10.25 -5.65
N ALA H 22 -8.35 -10.25 -6.83
CA ALA H 22 -7.37 -9.21 -7.16
C ALA H 22 -7.96 -7.79 -7.00
N ALA H 23 -9.24 -7.71 -6.67
CA ALA H 23 -9.89 -6.42 -6.49
C ALA H 23 -10.54 -6.40 -5.13
N GLY H 24 -10.27 -7.43 -4.35
CA GLY H 24 -10.84 -7.52 -3.02
C GLY H 24 -12.33 -7.79 -2.97
N ARG H 25 -12.85 -8.52 -3.94
CA ARG H 25 -14.27 -8.85 -3.95
C ARG H 25 -14.44 -10.35 -3.93
N SER H 26 -15.62 -10.76 -3.47
CA SER H 26 -15.96 -12.17 -3.44
C SER H 26 -16.30 -12.51 -4.87
N THR H 27 -16.05 -13.73 -5.32
CA THR H 27 -16.37 -14.01 -6.70
C THR H 27 -17.82 -13.66 -7.00
N GLU H 28 -18.72 -14.04 -6.12
CA GLU H 28 -20.10 -13.71 -6.39
C GLU H 28 -20.31 -12.22 -6.66
N ALA H 29 -19.72 -11.35 -5.83
CA ALA H 29 -19.91 -9.92 -6.02
C ALA H 29 -19.33 -9.47 -7.36
N GLU H 30 -18.23 -10.09 -7.75
CA GLU H 30 -17.55 -9.79 -9.01
C GLU H 30 -18.53 -9.98 -10.18
N ILE H 31 -19.09 -11.18 -10.30
CA ILE H 31 -20.02 -11.49 -11.38
C ILE H 31 -21.20 -10.52 -11.34
N ARG H 32 -21.66 -10.26 -10.14
CA ARG H 32 -22.79 -9.35 -9.94
C ARG H 32 -22.44 -7.95 -10.51
N LEU H 33 -21.21 -7.53 -10.32
CA LEU H 33 -20.78 -6.23 -10.81
C LEU H 33 -20.69 -6.29 -12.32
N ILE H 34 -20.05 -7.31 -12.83
CA ILE H 34 -19.92 -7.49 -14.26
C ILE H 34 -21.28 -7.35 -14.91
N LEU H 35 -22.20 -8.25 -14.59
CA LEU H 35 -23.53 -8.19 -15.16
C LEU H 35 -24.13 -6.80 -14.98
N ASP H 36 -23.79 -6.14 -13.87
CA ASP H 36 -24.29 -4.79 -13.60
C ASP H 36 -23.78 -3.80 -14.60
N ASN H 37 -22.50 -3.86 -14.90
CA ASN H 37 -21.90 -2.94 -15.86
C ASN H 37 -22.49 -3.12 -17.25
N ILE H 38 -22.71 -4.37 -17.63
CA ILE H 38 -23.29 -4.65 -18.91
C ILE H 38 -24.67 -4.00 -19.01
N ALA H 39 -25.50 -4.17 -18.00
CA ALA H 39 -26.81 -3.56 -18.00
C ALA H 39 -26.62 -2.06 -18.22
N LYS H 40 -25.69 -1.50 -17.44
CA LYS H 40 -25.35 -0.08 -17.48
C LYS H 40 -25.10 0.37 -18.92
N ALA H 41 -24.30 -0.39 -19.66
CA ALA H 41 -23.98 -0.07 -21.05
C ALA H 41 -25.22 -0.12 -21.91
N GLN H 42 -25.85 -1.28 -21.96
CA GLN H 42 -27.06 -1.51 -22.74
C GLN H 42 -28.09 -0.41 -22.62
N GLN H 43 -28.03 0.32 -21.52
CA GLN H 43 -28.99 1.38 -21.27
C GLN H 43 -28.57 2.80 -21.66
N THR H 44 -29.50 3.54 -22.25
CA THR H 44 -29.26 4.93 -22.61
C THR H 44 -30.18 5.75 -21.71
N VAL H 45 -29.58 6.34 -20.68
CA VAL H 45 -30.31 7.15 -19.71
C VAL H 45 -30.75 8.49 -20.30
N ARG H 46 -31.93 8.97 -19.91
CA ARG H 46 -32.44 10.26 -20.39
C ARG H 46 -32.23 11.33 -19.32
N LEU H 47 -31.00 11.82 -19.18
CA LEU H 47 -30.66 12.79 -18.14
C LEU H 47 -31.64 13.92 -17.89
N GLY H 48 -32.08 14.59 -18.96
CA GLY H 48 -33.01 15.69 -18.78
C GLY H 48 -34.27 15.25 -18.09
N SER H 49 -35.01 14.35 -18.74
CA SER H 49 -36.27 13.82 -18.21
C SER H 49 -36.12 13.15 -16.86
N MET H 50 -34.97 12.51 -16.64
CA MET H 50 -34.69 11.80 -15.38
C MET H 50 -34.88 12.72 -14.18
N LEU H 51 -34.21 13.87 -14.21
CA LEU H 51 -34.26 14.86 -13.16
C LEU H 51 -35.61 15.55 -13.05
N ALA H 52 -36.03 16.18 -14.14
CA ALA H 52 -37.30 16.88 -14.19
C ALA H 52 -38.41 16.04 -13.60
N SER H 53 -38.18 14.74 -13.56
CA SER H 53 -39.14 13.79 -13.01
C SER H 53 -39.00 13.86 -11.50
N ILE H 54 -37.80 13.55 -11.03
CA ILE H 54 -37.46 13.57 -9.63
C ILE H 54 -37.86 14.91 -9.04
N GLY H 55 -37.90 15.94 -9.88
CA GLY H 55 -38.26 17.25 -9.39
C GLY H 55 -39.75 17.43 -9.28
N GLN H 56 -40.47 16.91 -10.26
CA GLN H 56 -41.91 17.01 -10.28
C GLN H 56 -42.46 16.13 -9.17
N GLU H 57 -41.68 15.11 -8.82
CA GLU H 57 -42.06 14.20 -7.74
C GLU H 57 -41.98 14.84 -6.37
N ILE H 58 -40.97 15.66 -6.14
CA ILE H 58 -40.79 16.27 -4.83
C ILE H 58 -41.26 17.72 -4.80
N GLY H 59 -42.23 18.03 -5.65
CA GLY H 59 -42.75 19.39 -5.71
C GLY H 59 -41.75 20.40 -6.24
N GLY H 60 -40.67 19.94 -6.84
CA GLY H 60 -39.68 20.85 -7.37
C GLY H 60 -38.90 21.55 -6.26
N VAL H 61 -37.65 21.93 -6.57
CA VAL H 61 -36.77 22.62 -5.62
C VAL H 61 -35.88 23.61 -6.36
N GLU H 62 -34.97 24.23 -5.62
CA GLU H 62 -34.05 25.21 -6.17
C GLU H 62 -32.74 25.13 -5.40
N LEU H 63 -31.80 24.33 -5.88
CA LEU H 63 -30.52 24.17 -5.19
C LEU H 63 -29.54 25.29 -5.47
N GLU H 64 -30.04 26.49 -5.80
CA GLU H 64 -29.15 27.61 -6.07
C GLU H 64 -28.21 27.25 -7.24
N ALA I 1 -17.76 -25.50 -13.56
CA ALA I 1 -18.30 -25.36 -12.18
C ALA I 1 -19.68 -24.73 -12.21
N SER I 2 -20.19 -24.45 -11.01
CA SER I 2 -21.48 -23.83 -10.83
C SER I 2 -21.28 -22.63 -9.92
N VAL I 3 -22.21 -21.70 -9.93
CA VAL I 3 -22.14 -20.52 -9.07
C VAL I 3 -23.53 -19.98 -9.02
N VAL I 4 -23.96 -19.50 -7.86
CA VAL I 4 -25.29 -18.91 -7.77
C VAL I 4 -25.10 -17.43 -7.45
N ILE I 5 -25.75 -16.60 -8.23
CA ILE I 5 -25.63 -15.18 -8.01
C ILE I 5 -26.91 -14.72 -7.32
N ARG I 6 -26.80 -14.53 -6.02
CA ARG I 6 -27.94 -14.07 -5.23
C ARG I 6 -27.94 -12.56 -5.13
N ASN I 7 -29.11 -12.00 -4.91
CA ASN I 7 -29.27 -10.56 -4.80
C ASN I 7 -28.79 -9.87 -6.06
N LEU I 8 -29.39 -10.23 -7.19
CA LEU I 8 -29.08 -9.62 -8.47
C LEU I 8 -30.28 -8.71 -8.73
N SER I 9 -30.09 -7.40 -8.83
CA SER I 9 -31.22 -6.49 -9.06
C SER I 9 -32.05 -6.89 -10.28
N GLU I 10 -33.38 -6.85 -10.12
CA GLU I 10 -34.27 -7.21 -11.21
C GLU I 10 -33.95 -6.39 -12.46
N ALA I 11 -33.46 -5.16 -12.27
CA ALA I 11 -33.12 -4.31 -13.41
C ALA I 11 -32.04 -5.02 -14.21
N THR I 12 -30.88 -5.21 -13.59
CA THR I 12 -29.77 -5.87 -14.23
C THR I 12 -30.24 -7.19 -14.80
N HIS I 13 -31.01 -7.91 -13.99
CA HIS I 13 -31.51 -9.19 -14.40
C HIS I 13 -32.29 -9.07 -15.70
N ASN I 14 -33.27 -8.16 -15.73
CA ASN I 14 -34.06 -8.00 -16.95
C ASN I 14 -33.18 -7.57 -18.11
N ALA I 15 -32.18 -6.76 -17.81
CA ALA I 15 -31.26 -6.33 -18.85
C ALA I 15 -30.61 -7.54 -19.48
N ILE I 16 -30.17 -8.49 -18.65
CA ILE I 16 -29.49 -9.66 -19.13
C ILE I 16 -30.42 -10.62 -19.83
N LYS I 17 -31.68 -10.68 -19.39
CA LYS I 17 -32.64 -11.56 -20.06
C LYS I 17 -32.79 -11.03 -21.48
N PHE I 18 -33.01 -9.72 -21.57
CA PHE I 18 -33.17 -9.01 -22.83
C PHE I 18 -31.98 -9.32 -23.75
N ARG I 19 -30.78 -9.10 -23.23
CA ARG I 19 -29.58 -9.32 -23.99
C ARG I 19 -29.59 -10.69 -24.59
N ALA I 20 -29.79 -11.70 -23.73
CA ALA I 20 -29.81 -13.07 -24.16
C ALA I 20 -30.84 -13.27 -25.26
N ARG I 21 -32.08 -12.91 -24.98
CA ARG I 21 -33.13 -13.07 -25.96
C ARG I 21 -32.71 -12.46 -27.29
N ALA I 22 -32.35 -11.18 -27.24
CA ALA I 22 -31.92 -10.49 -28.44
C ALA I 22 -30.85 -11.26 -29.16
N ALA I 23 -29.91 -11.80 -28.39
CA ALA I 23 -28.79 -12.55 -28.94
C ALA I 23 -29.12 -13.98 -29.35
N GLY I 24 -30.39 -14.35 -29.18
CA GLY I 24 -30.81 -15.68 -29.55
C GLY I 24 -30.41 -16.82 -28.63
N ARG I 25 -30.17 -16.55 -27.35
CA ARG I 25 -29.82 -17.64 -26.44
C ARG I 25 -30.47 -17.53 -25.08
N SER I 26 -30.15 -18.49 -24.22
CA SER I 26 -30.69 -18.51 -22.85
C SER I 26 -29.89 -17.58 -21.95
N THR I 27 -30.47 -17.19 -20.82
CA THR I 27 -29.75 -16.31 -19.95
C THR I 27 -28.53 -17.01 -19.38
N GLU I 28 -28.68 -18.27 -19.04
CA GLU I 28 -27.54 -18.97 -18.48
C GLU I 28 -26.49 -19.08 -19.58
N ALA I 29 -26.92 -19.15 -20.83
CA ALA I 29 -25.95 -19.25 -21.90
C ALA I 29 -25.28 -17.90 -22.11
N GLU I 30 -26.04 -16.83 -21.91
CA GLU I 30 -25.52 -15.48 -22.07
C GLU I 30 -24.50 -15.14 -21.00
N ILE I 31 -24.77 -15.50 -19.74
CA ILE I 31 -23.84 -15.18 -18.66
C ILE I 31 -22.58 -15.99 -18.85
N ARG I 32 -22.76 -17.25 -19.19
CA ARG I 32 -21.66 -18.15 -19.42
C ARG I 32 -20.75 -17.49 -20.46
N LEU I 33 -21.35 -16.92 -21.50
CA LEU I 33 -20.59 -16.28 -22.57
C LEU I 33 -19.92 -15.00 -22.10
N ILE I 34 -20.71 -14.11 -21.52
CA ILE I 34 -20.21 -12.84 -21.03
C ILE I 34 -18.99 -13.09 -20.18
N LEU I 35 -19.09 -14.05 -19.27
CA LEU I 35 -17.97 -14.40 -18.41
C LEU I 35 -16.82 -14.95 -19.24
N ASP I 36 -17.13 -15.87 -20.15
CA ASP I 36 -16.11 -16.46 -21.00
C ASP I 36 -15.27 -15.39 -21.69
N ASN I 37 -15.90 -14.44 -22.34
CA ASN I 37 -15.16 -13.41 -23.04
C ASN I 37 -14.24 -12.67 -22.10
N ILE I 38 -14.75 -12.37 -20.92
CA ILE I 38 -13.94 -11.66 -19.96
C ILE I 38 -12.73 -12.51 -19.61
N ALA I 39 -13.00 -13.77 -19.31
CA ALA I 39 -11.95 -14.71 -18.95
C ALA I 39 -10.93 -14.79 -20.08
N LYS I 40 -11.41 -14.85 -21.31
CA LYS I 40 -10.53 -14.95 -22.45
C LYS I 40 -9.59 -13.77 -22.47
N ALA I 41 -10.11 -12.61 -22.08
CA ALA I 41 -9.33 -11.39 -22.06
C ALA I 41 -8.22 -11.38 -20.99
N GLN I 42 -8.45 -12.02 -19.84
CA GLN I 42 -7.44 -12.08 -18.79
C GLN I 42 -6.36 -13.08 -19.11
N GLN I 43 -6.75 -14.14 -19.80
CA GLN I 43 -5.85 -15.21 -20.19
C GLN I 43 -4.79 -14.60 -21.08
N THR I 44 -3.80 -13.96 -20.46
CA THR I 44 -2.71 -13.35 -21.22
C THR I 44 -1.81 -14.45 -21.76
N VAL I 45 -1.34 -15.31 -20.86
CA VAL I 45 -0.47 -16.41 -21.24
C VAL I 45 -1.04 -17.78 -20.82
N ARG I 46 -0.74 -18.80 -21.61
CA ARG I 46 -1.19 -20.14 -21.31
C ARG I 46 0.04 -20.92 -20.85
N LEU I 47 0.20 -21.01 -19.53
CA LEU I 47 1.37 -21.66 -18.95
C LEU I 47 1.71 -23.04 -19.50
N GLY I 48 0.72 -23.92 -19.56
CA GLY I 48 0.98 -25.25 -20.08
C GLY I 48 1.58 -25.16 -21.48
N SER I 49 0.74 -24.87 -22.46
CA SER I 49 1.19 -24.73 -23.84
C SER I 49 2.48 -23.94 -23.99
N MET I 50 2.63 -22.90 -23.18
CA MET I 50 3.83 -22.07 -23.23
C MET I 50 5.05 -22.93 -22.92
N LEU I 51 4.98 -23.67 -21.82
CA LEU I 51 6.06 -24.56 -21.40
C LEU I 51 6.22 -25.71 -22.40
N ALA I 52 5.09 -26.20 -22.89
CA ALA I 52 5.07 -27.29 -23.84
C ALA I 52 5.95 -26.98 -25.03
N SER I 53 5.75 -25.80 -25.60
CA SER I 53 6.54 -25.38 -26.75
C SER I 53 8.01 -25.59 -26.50
N ILE I 54 8.50 -25.02 -25.40
CA ILE I 54 9.90 -25.15 -25.02
C ILE I 54 10.27 -26.63 -25.11
N GLY I 55 9.48 -27.48 -24.45
CA GLY I 55 9.74 -28.90 -24.48
C GLY I 55 9.91 -29.36 -25.91
N GLN I 56 8.91 -29.06 -26.74
CA GLN I 56 8.93 -29.41 -28.15
C GLN I 56 10.14 -28.82 -28.88
N GLU I 57 10.62 -27.68 -28.39
CA GLU I 57 11.76 -27.01 -29.01
C GLU I 57 13.08 -27.74 -28.81
N ILE I 58 13.27 -28.30 -27.62
CA ILE I 58 14.51 -29.01 -27.33
C ILE I 58 14.30 -30.52 -27.37
N GLY I 59 13.12 -30.94 -27.80
CA GLY I 59 12.85 -32.37 -27.88
C GLY I 59 12.75 -33.03 -26.53
N GLY I 60 12.16 -32.31 -25.58
CA GLY I 60 12.00 -32.85 -24.24
C GLY I 60 13.25 -33.16 -23.45
N VAL I 61 13.19 -32.87 -22.15
CA VAL I 61 14.30 -33.16 -21.26
C VAL I 61 13.78 -33.77 -19.99
N GLU I 62 14.59 -34.66 -19.43
CA GLU I 62 14.24 -35.31 -18.19
C GLU I 62 15.23 -34.69 -17.20
N LEU I 63 14.72 -33.88 -16.30
CA LEU I 63 15.57 -33.22 -15.32
C LEU I 63 15.83 -34.08 -14.08
N GLU I 64 17.10 -34.18 -13.72
CA GLU I 64 17.56 -34.96 -12.55
C GLU I 64 16.63 -34.76 -11.36
N ASP I 65 16.43 -35.84 -10.59
CA ASP I 65 15.55 -35.78 -9.43
C ASP I 65 15.92 -34.62 -8.51
N VAL I 66 16.90 -34.85 -7.67
CA VAL I 66 17.37 -33.80 -6.77
C VAL I 66 16.40 -33.28 -5.71
N ARG I 67 16.36 -33.94 -4.56
CA ARG I 67 15.54 -33.54 -3.43
C ARG I 67 15.56 -34.66 -2.39
N ALA J 1 10.70 0.88 35.82
CA ALA J 1 9.69 0.72 34.72
C ALA J 1 8.92 2.02 34.42
N SER J 2 9.15 3.09 35.19
CA SER J 2 8.44 4.33 34.93
C SER J 2 9.33 5.55 34.96
N VAL J 3 9.14 6.43 34.00
CA VAL J 3 9.93 7.65 33.90
C VAL J 3 9.08 8.82 33.43
N VAL J 4 9.31 9.98 34.02
CA VAL J 4 8.56 11.17 33.62
C VAL J 4 9.53 12.18 33.01
N ILE J 5 9.18 12.67 31.81
CA ILE J 5 9.99 13.65 31.11
C ILE J 5 9.19 14.95 31.09
N ARG J 6 9.70 15.98 31.75
CA ARG J 6 9.02 17.27 31.80
C ARG J 6 9.82 18.38 31.12
N ASN J 7 9.23 19.57 31.00
CA ASN J 7 9.91 20.69 30.36
C ASN J 7 10.44 20.26 29.00
N LEU J 8 9.74 19.34 28.33
CA LEU J 8 10.17 18.85 27.04
C LEU J 8 9.77 19.79 25.89
N SER J 9 10.76 20.22 25.14
CA SER J 9 10.56 21.12 24.02
C SER J 9 9.39 20.75 23.13
N GLU J 10 8.29 21.50 23.25
CA GLU J 10 7.11 21.24 22.41
C GLU J 10 7.62 21.55 21.02
N ALA J 11 7.98 20.50 20.30
CA ALA J 11 8.54 20.59 18.96
C ALA J 11 9.36 19.31 18.87
N THR J 12 10.20 19.09 19.88
CA THR J 12 10.95 17.85 19.93
C THR J 12 9.79 16.89 20.10
N HIS J 13 8.84 17.30 20.93
CA HIS J 13 7.67 16.49 21.17
C HIS J 13 6.95 16.25 19.86
N ASN J 14 6.91 17.27 19.02
CA ASN J 14 6.26 17.15 17.72
C ASN J 14 7.01 16.13 16.88
N ALA J 15 8.31 16.29 16.79
CA ALA J 15 9.15 15.39 16.01
C ALA J 15 8.89 13.94 16.37
N ILE J 16 8.86 13.66 17.67
CA ILE J 16 8.63 12.31 18.12
C ILE J 16 7.23 11.87 17.75
N LYS J 17 6.23 12.62 18.21
CA LYS J 17 4.83 12.32 17.91
C LYS J 17 4.79 11.85 16.46
N PHE J 18 5.44 12.60 15.59
CA PHE J 18 5.50 12.31 14.19
C PHE J 18 6.06 10.94 13.84
N ARG J 19 7.31 10.68 14.21
CA ARG J 19 7.94 9.40 13.91
C ARG J 19 7.09 8.29 14.48
N ALA J 20 6.35 8.61 15.53
CA ALA J 20 5.49 7.65 16.18
C ALA J 20 4.35 7.23 15.27
N ARG J 21 3.52 8.19 14.89
CA ARG J 21 2.37 7.90 14.05
C ARG J 21 2.81 7.29 12.72
N ALA J 22 3.87 7.82 12.15
CA ALA J 22 4.34 7.32 10.85
C ALA J 22 4.62 5.82 10.91
N ALA J 23 4.96 5.31 12.08
CA ALA J 23 5.25 3.89 12.22
C ALA J 23 4.07 3.23 12.90
N GLY J 24 2.95 3.94 12.95
CA GLY J 24 1.74 3.41 13.56
C GLY J 24 1.77 3.03 15.03
N ARG J 25 2.59 3.71 15.83
CA ARG J 25 2.63 3.38 17.25
C ARG J 25 2.45 4.62 18.11
N SER J 26 1.98 4.42 19.33
CA SER J 26 1.78 5.54 20.23
C SER J 26 3.08 6.27 20.44
N THR J 27 2.99 7.53 20.83
CA THR J 27 4.18 8.31 21.08
C THR J 27 5.00 7.65 22.18
N GLU J 28 4.31 7.14 23.19
CA GLU J 28 4.94 6.47 24.31
C GLU J 28 5.74 5.23 23.85
N ALA J 29 5.09 4.36 23.08
CA ALA J 29 5.75 3.18 22.56
C ALA J 29 7.04 3.62 21.89
N GLU J 30 6.96 4.77 21.22
CA GLU J 30 8.10 5.36 20.52
C GLU J 30 9.25 5.66 21.45
N ILE J 31 9.00 6.41 22.51
CA ILE J 31 10.06 6.72 23.45
C ILE J 31 10.62 5.38 23.90
N ARG J 32 9.73 4.56 24.44
CA ARG J 32 10.07 3.24 24.94
C ARG J 32 10.97 2.52 23.92
N LEU J 33 10.60 2.55 22.65
CA LEU J 33 11.38 1.90 21.61
C LEU J 33 12.70 2.62 21.36
N ILE J 34 12.71 3.94 21.46
CA ILE J 34 13.94 4.67 21.25
C ILE J 34 14.91 4.31 22.35
N LEU J 35 14.49 4.55 23.59
CA LEU J 35 15.33 4.22 24.73
C LEU J 35 15.80 2.77 24.60
N ASP J 36 14.89 1.88 24.25
CA ASP J 36 15.24 0.48 24.07
C ASP J 36 16.36 0.28 23.06
N ASN J 37 16.34 1.02 21.96
CA ASN J 37 17.40 0.88 20.98
C ASN J 37 18.71 1.41 21.51
N ILE J 38 18.66 2.51 22.26
CA ILE J 38 19.86 3.10 22.84
C ILE J 38 20.56 2.03 23.68
N ALA J 39 19.81 1.46 24.62
CA ALA J 39 20.34 0.45 25.52
C ALA J 39 21.02 -0.70 24.78
N LYS J 40 20.43 -1.10 23.66
CA LYS J 40 20.95 -2.19 22.85
C LYS J 40 22.28 -1.83 22.19
N ALA J 41 22.43 -0.56 21.84
CA ALA J 41 23.65 -0.09 21.19
C ALA J 41 24.75 0.13 22.21
N GLN J 42 24.33 0.33 23.45
CA GLN J 42 25.27 0.55 24.54
C GLN J 42 25.74 -0.80 25.09
N GLN J 43 25.03 -1.84 24.72
CA GLN J 43 25.34 -3.20 25.18
C GLN J 43 26.18 -4.05 24.24
N THR J 44 27.06 -4.86 24.82
CA THR J 44 27.90 -5.77 24.05
C THR J 44 27.61 -7.17 24.57
N VAL J 45 26.79 -7.92 23.84
CA VAL J 45 26.47 -9.28 24.27
C VAL J 45 27.59 -10.20 23.86
N ARG J 46 27.85 -11.18 24.71
CA ARG J 46 28.87 -12.17 24.41
C ARG J 46 28.11 -13.44 24.00
N LEU J 47 27.84 -13.53 22.70
CA LEU J 47 27.08 -14.62 22.12
C LEU J 47 27.40 -16.03 22.61
N GLY J 48 28.68 -16.35 22.73
CA GLY J 48 29.05 -17.68 23.18
C GLY J 48 28.51 -17.98 24.57
N SER J 49 28.96 -17.22 25.56
CA SER J 49 28.54 -17.39 26.94
C SER J 49 27.02 -17.37 27.10
N MET J 50 26.40 -16.33 26.55
CA MET J 50 24.95 -16.16 26.61
C MET J 50 24.20 -17.43 26.22
N LEU J 51 24.73 -18.18 25.26
CA LEU J 51 24.07 -19.43 24.84
C LEU J 51 24.52 -20.55 25.74
N ALA J 52 25.83 -20.62 25.96
CA ALA J 52 26.43 -21.66 26.81
C ALA J 52 25.70 -21.79 28.13
N SER J 53 25.19 -20.67 28.62
CA SER J 53 24.47 -20.65 29.89
C SER J 53 23.02 -21.09 29.74
N ILE J 54 22.34 -20.61 28.70
CA ILE J 54 20.96 -21.01 28.45
C ILE J 54 20.99 -22.50 28.26
N GLY J 55 22.14 -22.99 27.81
CA GLY J 55 22.31 -24.41 27.58
C GLY J 55 22.35 -25.18 28.88
N GLN J 56 23.29 -24.81 29.72
CA GLN J 56 23.46 -25.46 31.01
C GLN J 56 22.22 -25.21 31.85
N GLU J 57 21.44 -24.19 31.49
CA GLU J 57 20.22 -23.88 32.23
C GLU J 57 19.14 -24.93 32.03
N ILE J 58 19.18 -25.64 30.91
CA ILE J 58 18.17 -26.67 30.61
C ILE J 58 18.65 -28.11 30.47
N GLY J 59 19.90 -28.38 30.86
CA GLY J 59 20.40 -29.74 30.77
C GLY J 59 20.95 -30.12 29.42
N GLY J 60 21.16 -29.13 28.55
CA GLY J 60 21.73 -29.41 27.24
C GLY J 60 20.80 -30.00 26.20
N VAL J 61 20.96 -29.52 24.96
CA VAL J 61 20.16 -29.96 23.83
C VAL J 61 21.00 -30.02 22.56
N GLU J 62 20.45 -30.66 21.53
CA GLU J 62 21.12 -30.82 20.25
C GLU J 62 20.09 -30.64 19.14
N LEU J 63 20.49 -29.95 18.08
CA LEU J 63 19.58 -29.71 16.98
C LEU J 63 20.22 -30.19 15.67
#